data_3NH1
#
_entry.id   3NH1
#
_cell.length_a   46.482
_cell.length_b   46.482
_cell.length_c   315.877
_cell.angle_alpha   90.00
_cell.angle_beta   90.00
_cell.angle_gamma   120.00
#
_symmetry.space_group_name_H-M   'P 32'
#
loop_
_entity.id
_entity.type
_entity.pdbx_description
1 polymer 'Ribonuclease T'
2 polymer "5'-D(*TP*TP*AP*TP*AP*GP*G)-3'"
3 non-polymer 'MAGNESIUM ION'
4 water water
#
loop_
_entity_poly.entity_id
_entity_poly.type
_entity_poly.pdbx_seq_one_letter_code
_entity_poly.pdbx_strand_id
1 'polypeptide(L)'
;MGSSHHHHHHSSGLVPRGSHMSDNAQLTGLCDRFRGFYPVVIDVETAGFNAKTDALLEIAAITLKMDEQGWLMPDTTLHF
HVEPFVGANLQPEALAFNGIDPNDPDRGAVSEYEALHEIFKVVRKGIKASGCNRAIMVAHNANFDHSFMMAAAERASLKR
NPFHPFATFDTAALAGLALGQTVLSKACQTAGMDFDSTQAHSALYDTERTAVLFCEIVNRWKRLGGWPLSAAEEV
;
A,B,C,D
2 'polydeoxyribonucleotide' (DT)(DT)(DA)(DT)(DA)(DG)(DG) E,F,G,H
#
loop_
_chem_comp.id
_chem_comp.type
_chem_comp.name
_chem_comp.formula
DA DNA linking 2'-DEOXYADENOSINE-5'-MONOPHOSPHATE 'C10 H14 N5 O6 P'
DG DNA linking 2'-DEOXYGUANOSINE-5'-MONOPHOSPHATE 'C10 H14 N5 O7 P'
DT DNA linking THYMIDINE-5'-MONOPHOSPHATE 'C10 H15 N2 O8 P'
MG non-polymer 'MAGNESIUM ION' 'Mg 2'
#
# COMPACT_ATOMS: atom_id res chain seq x y z
N ASN A 24 -23.96 -8.10 -18.63
CA ASN A 24 -24.85 -7.33 -17.76
C ASN A 24 -24.44 -5.86 -17.57
N ALA A 25 -23.20 -5.54 -17.94
CA ALA A 25 -22.66 -4.20 -17.73
C ALA A 25 -23.49 -3.13 -18.46
N GLN A 26 -24.14 -3.53 -19.54
CA GLN A 26 -24.98 -2.61 -20.30
C GLN A 26 -26.27 -2.29 -19.54
N LEU A 27 -26.51 -3.04 -18.46
CA LEU A 27 -27.69 -2.87 -17.62
C LEU A 27 -27.46 -2.04 -16.34
N THR A 28 -26.30 -1.39 -16.21
CA THR A 28 -25.95 -0.70 -14.96
C THR A 28 -26.05 0.83 -14.94
N GLY A 29 -26.11 1.47 -16.09
CA GLY A 29 -26.19 2.93 -16.11
C GLY A 29 -24.86 3.68 -16.05
N LEU A 30 -23.75 2.97 -15.97
CA LEU A 30 -22.43 3.62 -16.04
C LEU A 30 -22.34 4.52 -17.28
N CYS A 31 -22.90 4.03 -18.39
CA CYS A 31 -22.84 4.75 -19.66
C CYS A 31 -23.80 5.96 -19.72
N ASP A 32 -24.68 6.05 -18.74
CA ASP A 32 -25.66 7.14 -18.67
C ASP A 32 -25.18 8.25 -17.74
N ARG A 33 -24.26 7.92 -16.85
CA ARG A 33 -23.79 8.88 -15.88
C ARG A 33 -22.97 10.01 -16.48
N PHE A 34 -22.10 9.67 -17.43
CA PHE A 34 -21.15 10.64 -17.96
C PHE A 34 -21.23 10.81 -19.48
N ARG A 35 -22.45 10.98 -19.99
CA ARG A 35 -22.72 11.11 -21.43
C ARG A 35 -21.95 10.12 -22.33
N GLY A 36 -21.85 8.88 -21.86
CA GLY A 36 -21.23 7.81 -22.62
C GLY A 36 -19.74 7.67 -22.43
N PHE A 37 -19.14 8.48 -21.55
CA PHE A 37 -17.71 8.35 -21.23
C PHE A 37 -17.45 7.30 -20.15
N TYR A 38 -16.43 6.49 -20.37
CA TYR A 38 -16.05 5.39 -19.50
C TYR A 38 -14.86 5.86 -18.66
N PRO A 39 -15.10 6.15 -17.38
CA PRO A 39 -14.04 6.76 -16.55
C PRO A 39 -12.99 5.75 -16.10
N VAL A 40 -11.73 6.09 -16.31
CA VAL A 40 -10.63 5.21 -15.95
C VAL A 40 -9.62 6.01 -15.14
N VAL A 41 -9.39 5.56 -13.90
CA VAL A 41 -8.46 6.25 -13.02
C VAL A 41 -7.02 5.89 -13.36
N ILE A 42 -6.18 6.90 -13.52
CA ILE A 42 -4.79 6.70 -13.91
C ILE A 42 -3.85 7.45 -12.99
N ASP A 43 -2.79 6.77 -12.55
CA ASP A 43 -1.66 7.45 -11.94
C ASP A 43 -0.35 6.97 -12.58
N VAL A 44 0.57 7.91 -12.77
CA VAL A 44 1.83 7.64 -13.43
C VAL A 44 2.98 8.08 -12.52
N GLU A 45 4.09 7.35 -12.54
CA GLU A 45 5.31 7.84 -11.88
C GLU A 45 6.33 8.09 -12.99
N THR A 46 7.14 9.13 -12.81
CA THR A 46 7.96 9.62 -13.90
C THR A 46 9.37 9.96 -13.43
N ALA A 47 10.28 10.14 -14.38
CA ALA A 47 11.61 10.62 -14.01
C ALA A 47 11.74 12.14 -14.22
N GLY A 48 10.62 12.86 -14.11
CA GLY A 48 10.63 14.31 -14.21
C GLY A 48 9.28 14.90 -14.61
N PHE A 49 9.22 16.22 -14.77
CA PHE A 49 7.95 16.90 -15.06
C PHE A 49 7.59 17.10 -16.54
N ASN A 50 8.45 16.66 -17.45
CA ASN A 50 8.27 16.96 -18.87
C ASN A 50 7.87 15.72 -19.68
N ALA A 51 6.61 15.66 -20.10
CA ALA A 51 6.08 14.45 -20.75
C ALA A 51 6.78 14.09 -22.05
N LYS A 52 7.45 15.07 -22.67
CA LYS A 52 8.12 14.82 -23.93
C LYS A 52 9.57 14.33 -23.73
N THR A 53 10.22 14.81 -22.67
CA THR A 53 11.65 14.51 -22.49
C THR A 53 11.98 13.57 -21.32
N ASP A 54 11.10 13.48 -20.32
CA ASP A 54 11.35 12.69 -19.11
C ASP A 54 10.73 11.29 -19.14
N ALA A 55 11.43 10.32 -18.56
CA ALA A 55 11.00 8.92 -18.61
C ALA A 55 9.65 8.72 -17.91
N LEU A 56 8.79 7.90 -18.52
CA LEU A 56 7.62 7.37 -17.84
C LEU A 56 8.02 6.05 -17.19
N LEU A 57 7.87 5.95 -15.87
CA LEU A 57 8.48 4.85 -15.14
C LEU A 57 7.51 3.79 -14.64
N GLU A 58 6.23 4.18 -14.51
CA GLU A 58 5.25 3.32 -13.86
C GLU A 58 3.85 3.86 -14.13
N ILE A 59 2.89 2.97 -14.22
CA ILE A 59 1.52 3.39 -14.50
C ILE A 59 0.55 2.39 -13.90
N ALA A 60 -0.50 2.89 -13.26
CA ALA A 60 -1.61 2.03 -12.87
C ALA A 60 -2.93 2.57 -13.41
N ALA A 61 -3.84 1.66 -13.70
CA ALA A 61 -5.17 2.02 -14.20
C ALA A 61 -6.21 1.26 -13.40
N ILE A 62 -7.29 1.93 -13.05
CA ILE A 62 -8.41 1.28 -12.39
C ILE A 62 -9.66 1.70 -13.14
N THR A 63 -10.34 0.72 -13.73
CA THR A 63 -11.62 0.99 -14.36
C THR A 63 -12.69 0.97 -13.25
N LEU A 64 -13.85 1.55 -13.53
CA LEU A 64 -14.91 1.65 -12.53
C LEU A 64 -16.19 0.94 -12.99
N LYS A 65 -17.07 0.65 -12.05
CA LYS A 65 -18.37 0.07 -12.37
C LYS A 65 -19.46 0.64 -11.46
N MET A 66 -20.72 0.41 -11.85
CA MET A 66 -21.85 0.82 -11.03
C MET A 66 -22.56 -0.41 -10.46
N ASP A 67 -22.82 -0.41 -9.16
CA ASP A 67 -23.54 -1.53 -8.56
C ASP A 67 -25.05 -1.44 -8.82
N GLU A 68 -25.82 -2.34 -8.22
CA GLU A 68 -27.27 -2.40 -8.50
C GLU A 68 -28.03 -1.18 -7.97
N GLN A 69 -27.47 -0.52 -6.97
CA GLN A 69 -28.12 0.65 -6.40
C GLN A 69 -27.65 1.94 -7.09
N GLY A 70 -26.70 1.85 -8.01
CA GLY A 70 -26.23 3.02 -8.73
C GLY A 70 -25.03 3.67 -8.06
N TRP A 71 -24.34 2.91 -7.24
CA TRP A 71 -23.12 3.39 -6.62
C TRP A 71 -21.91 3.05 -7.48
N LEU A 72 -21.01 4.01 -7.62
CA LEU A 72 -19.78 3.82 -8.39
C LEU A 72 -18.69 3.19 -7.52
N MET A 73 -17.95 2.24 -8.08
CA MET A 73 -16.88 1.59 -7.34
C MET A 73 -15.80 1.04 -8.27
N PRO A 74 -14.59 0.80 -7.75
CA PRO A 74 -13.53 0.27 -8.60
C PRO A 74 -13.92 -1.08 -9.21
N ASP A 75 -13.48 -1.32 -10.44
CA ASP A 75 -13.75 -2.59 -11.10
C ASP A 75 -12.41 -3.33 -11.31
N THR A 76 -11.70 -2.98 -12.38
CA THR A 76 -10.47 -3.69 -12.75
C THR A 76 -9.21 -2.87 -12.50
N THR A 77 -8.21 -3.50 -11.88
CA THR A 77 -6.92 -2.83 -11.64
C THR A 77 -5.82 -3.40 -12.54
N LEU A 78 -4.99 -2.51 -13.08
CA LEU A 78 -3.81 -2.90 -13.85
C LEU A 78 -2.62 -2.13 -13.31
N HIS A 79 -1.42 -2.70 -13.41
CA HIS A 79 -0.24 -2.08 -12.83
C HIS A 79 1.00 -2.49 -13.60
N PHE A 80 1.75 -1.51 -14.13
CA PHE A 80 2.93 -1.80 -14.93
C PHE A 80 4.11 -0.94 -14.54
N HIS A 81 5.28 -1.55 -14.46
CA HIS A 81 6.52 -0.79 -14.36
C HIS A 81 7.03 -0.63 -15.78
N VAL A 82 7.53 0.55 -16.11
CA VAL A 82 7.77 0.89 -17.52
C VAL A 82 9.24 1.15 -17.76
N GLU A 83 9.79 0.49 -18.77
CA GLU A 83 11.15 0.76 -19.21
C GLU A 83 11.21 2.16 -19.81
N PRO A 84 12.20 2.97 -19.39
CA PRO A 84 12.36 4.32 -19.94
C PRO A 84 12.54 4.30 -21.47
N PHE A 85 11.89 5.21 -22.18
CA PHE A 85 11.97 5.19 -23.64
C PHE A 85 13.39 5.57 -24.07
N VAL A 86 13.80 5.12 -25.25
CA VAL A 86 15.16 5.38 -25.71
C VAL A 86 15.45 6.88 -25.78
N GLY A 87 16.51 7.28 -25.08
CA GLY A 87 16.90 8.68 -25.01
C GLY A 87 16.20 9.46 -23.91
N ALA A 88 15.38 8.79 -23.10
CA ALA A 88 14.62 9.48 -22.06
C ALA A 88 15.52 10.12 -21.01
N ASN A 89 15.12 11.29 -20.54
CA ASN A 89 15.81 11.94 -19.44
C ASN A 89 15.41 11.33 -18.07
N LEU A 90 16.36 11.19 -17.17
CA LEU A 90 16.06 10.72 -15.82
C LEU A 90 16.53 11.75 -14.79
N GLN A 91 15.60 12.50 -14.21
CA GLN A 91 15.93 13.53 -13.22
C GLN A 91 16.13 12.94 -11.83
N PRO A 92 17.32 13.12 -11.25
CA PRO A 92 17.72 12.59 -9.94
C PRO A 92 16.71 12.89 -8.83
N GLU A 93 16.18 14.12 -8.80
CA GLU A 93 15.23 14.53 -7.77
C GLU A 93 13.88 13.82 -7.90
N ALA A 94 13.49 13.50 -9.13
CA ALA A 94 12.27 12.72 -9.36
C ALA A 94 12.43 11.33 -8.73
N LEU A 95 13.56 10.69 -9.01
CA LEU A 95 13.86 9.36 -8.46
C LEU A 95 13.93 9.40 -6.95
N ALA A 96 14.54 10.45 -6.41
CA ALA A 96 14.58 10.66 -4.97
C ALA A 96 13.17 10.76 -4.41
N PHE A 97 12.26 11.32 -5.20
CA PHE A 97 10.88 11.54 -4.76
C PHE A 97 10.05 10.25 -4.77
N ASN A 98 10.04 9.56 -5.89
CA ASN A 98 9.21 8.36 -6.00
C ASN A 98 9.88 7.05 -5.55
N GLY A 99 11.18 7.09 -5.27
CA GLY A 99 11.90 5.93 -4.76
C GLY A 99 12.19 4.85 -5.79
N ILE A 100 12.03 5.19 -7.07
CA ILE A 100 12.20 4.20 -8.12
C ILE A 100 13.64 4.10 -8.63
N ASP A 101 14.18 2.89 -8.58
CA ASP A 101 15.48 2.58 -9.15
C ASP A 101 15.22 1.93 -10.49
N PRO A 102 15.40 2.70 -11.58
CA PRO A 102 15.17 2.21 -12.95
C PRO A 102 15.91 0.89 -13.23
N ASN A 103 17.06 0.69 -12.60
CA ASN A 103 17.83 -0.53 -12.81
C ASN A 103 17.76 -1.51 -11.64
N ASP A 104 16.63 -1.50 -10.94
CA ASP A 104 16.31 -2.55 -9.98
C ASP A 104 15.85 -3.76 -10.77
N PRO A 105 16.50 -4.91 -10.56
CA PRO A 105 16.17 -6.13 -11.31
C PRO A 105 14.79 -6.66 -10.96
N ASP A 106 14.31 -6.33 -9.75
CA ASP A 106 13.01 -6.78 -9.26
C ASP A 106 11.88 -5.98 -9.89
N ARG A 107 12.21 -4.96 -10.65
CA ARG A 107 11.21 -4.01 -11.15
C ARG A 107 10.30 -4.62 -12.22
N GLY A 108 10.78 -5.66 -12.89
CA GLY A 108 10.01 -6.30 -13.94
C GLY A 108 9.45 -5.32 -14.96
N ALA A 109 10.33 -4.49 -15.52
CA ALA A 109 9.90 -3.47 -16.48
C ALA A 109 9.44 -4.06 -17.81
N VAL A 110 8.40 -3.46 -18.38
CA VAL A 110 7.96 -3.76 -19.74
C VAL A 110 8.02 -2.47 -20.56
N SER A 111 7.86 -2.58 -21.87
CA SER A 111 7.96 -1.41 -22.74
C SER A 111 6.69 -0.57 -22.68
N GLU A 112 6.83 0.70 -23.05
CA GLU A 112 5.67 1.58 -23.13
C GLU A 112 4.57 0.91 -23.92
N TYR A 113 4.95 0.33 -25.06
CA TYR A 113 4.01 -0.34 -25.94
C TYR A 113 3.26 -1.48 -25.25
N GLU A 114 4.00 -2.24 -24.45
CA GLU A 114 3.40 -3.41 -23.82
C GLU A 114 2.44 -3.00 -22.70
N ALA A 115 2.85 -2.05 -21.87
CA ALA A 115 1.97 -1.52 -20.82
C ALA A 115 0.69 -0.93 -21.43
N LEU A 116 0.85 0.03 -22.34
CA LEU A 116 -0.31 0.72 -22.93
C LEU A 116 -1.23 -0.19 -23.75
N HIS A 117 -0.64 -1.12 -24.50
CA HIS A 117 -1.43 -2.05 -25.27
C HIS A 117 -2.37 -2.84 -24.36
N GLU A 118 -1.83 -3.31 -23.24
CA GLU A 118 -2.62 -4.09 -22.30
C GLU A 118 -3.65 -3.22 -21.58
N ILE A 119 -3.24 -2.02 -21.18
CA ILE A 119 -4.18 -1.09 -20.57
C ILE A 119 -5.28 -0.69 -21.58
N PHE A 120 -4.87 -0.30 -22.78
CA PHE A 120 -5.84 0.08 -23.80
C PHE A 120 -6.82 -1.05 -24.14
N LYS A 121 -6.30 -2.28 -24.15
CA LYS A 121 -7.12 -3.43 -24.51
C LYS A 121 -8.22 -3.66 -23.49
N VAL A 122 -7.85 -3.64 -22.22
CA VAL A 122 -8.78 -3.80 -21.11
C VAL A 122 -9.82 -2.67 -21.10
N VAL A 123 -9.35 -1.45 -21.37
CA VAL A 123 -10.26 -0.29 -21.43
C VAL A 123 -11.29 -0.43 -22.56
N ARG A 124 -10.83 -0.83 -23.75
CA ARG A 124 -11.73 -1.01 -24.90
C ARG A 124 -12.78 -2.07 -24.61
N LYS A 125 -12.35 -3.11 -23.93
CA LYS A 125 -13.26 -4.18 -23.55
C LYS A 125 -14.34 -3.62 -22.64
N GLY A 126 -13.93 -2.81 -21.66
CA GLY A 126 -14.85 -2.26 -20.70
C GLY A 126 -15.85 -1.32 -21.35
N ILE A 127 -15.36 -0.48 -22.25
CA ILE A 127 -16.19 0.45 -22.99
C ILE A 127 -17.31 -0.28 -23.74
N LYS A 128 -16.92 -1.29 -24.52
CA LYS A 128 -17.89 -2.05 -25.30
C LYS A 128 -18.88 -2.83 -24.43
N ALA A 129 -18.37 -3.51 -23.40
CA ALA A 129 -19.24 -4.26 -22.49
C ALA A 129 -20.16 -3.37 -21.65
N SER A 130 -19.84 -2.09 -21.49
CA SER A 130 -20.73 -1.19 -20.74
C SER A 130 -21.61 -0.28 -21.63
N GLY A 131 -21.39 -0.32 -22.93
CA GLY A 131 -22.18 0.49 -23.85
C GLY A 131 -21.74 1.95 -23.87
N CYS A 132 -20.57 2.23 -23.31
CA CYS A 132 -19.98 3.55 -23.45
C CYS A 132 -19.39 3.68 -24.85
N ASN A 133 -18.77 4.82 -25.14
CA ASN A 133 -18.18 4.99 -26.46
C ASN A 133 -16.77 5.59 -26.44
N ARG A 134 -16.28 5.92 -25.26
CA ARG A 134 -14.99 6.60 -25.16
C ARG A 134 -14.56 6.57 -23.70
N ALA A 135 -13.26 6.44 -23.44
CA ALA A 135 -12.79 6.50 -22.08
C ALA A 135 -12.37 7.92 -21.72
N ILE A 136 -12.50 8.26 -20.44
CA ILE A 136 -12.02 9.54 -19.96
C ILE A 136 -11.16 9.34 -18.73
N MET A 137 -9.92 9.86 -18.80
CA MET A 137 -8.99 9.72 -17.71
C MET A 137 -9.42 10.49 -16.46
N VAL A 138 -9.43 9.79 -15.34
CA VAL A 138 -9.62 10.39 -14.03
C VAL A 138 -8.25 10.37 -13.34
N ALA A 139 -7.76 11.52 -12.91
CA ALA A 139 -6.45 11.59 -12.29
C ALA A 139 -6.32 12.86 -11.49
N HIS A 140 -5.40 12.87 -10.54
CA HIS A 140 -5.25 14.01 -9.65
C HIS A 140 -4.29 15.04 -10.23
N ASN A 141 -4.78 16.25 -10.49
CA ASN A 141 -4.12 17.19 -11.39
C ASN A 141 -3.91 16.50 -12.73
N ALA A 142 -5.03 16.05 -13.29
CA ALA A 142 -5.06 15.11 -14.41
C ALA A 142 -4.26 15.49 -15.69
N ASN A 143 -4.04 16.77 -15.94
CA ASN A 143 -3.21 17.14 -17.09
C ASN A 143 -1.82 16.48 -17.07
N PHE A 144 -1.29 16.26 -15.87
CA PHE A 144 0.03 15.64 -15.73
C PHE A 144 0.01 14.23 -16.29
N ASP A 145 -0.87 13.41 -15.75
CA ASP A 145 -0.96 12.02 -16.16
C ASP A 145 -1.42 11.87 -17.61
N HIS A 146 -2.33 12.73 -18.04
CA HIS A 146 -2.83 12.69 -19.40
C HIS A 146 -1.69 12.93 -20.41
N SER A 147 -0.91 13.99 -20.18
CA SER A 147 0.18 14.33 -21.08
C SER A 147 1.25 13.20 -21.12
N PHE A 148 1.49 12.55 -19.99
CA PHE A 148 2.47 11.46 -19.98
C PHE A 148 1.97 10.23 -20.69
N MET A 149 0.71 9.90 -20.47
CA MET A 149 0.12 8.77 -21.17
C MET A 149 -0.01 9.02 -22.66
N MET A 150 -0.34 10.26 -23.06
CA MET A 150 -0.44 10.59 -24.47
C MET A 150 0.93 10.58 -25.14
N ALA A 151 1.94 11.10 -24.45
CA ALA A 151 3.30 11.16 -25.00
C ALA A 151 3.81 9.76 -25.29
N ALA A 152 3.65 8.86 -24.33
CA ALA A 152 4.07 7.48 -24.47
C ALA A 152 3.26 6.76 -25.55
N ALA A 153 1.95 7.02 -25.56
CA ALA A 153 1.07 6.40 -26.55
C ALA A 153 1.51 6.81 -27.96
N GLU A 154 2.08 8.00 -28.07
CA GLU A 154 2.52 8.47 -29.37
C GLU A 154 3.86 7.84 -29.75
N ARG A 155 4.78 7.78 -28.80
CA ARG A 155 6.08 7.15 -29.04
C ARG A 155 5.95 5.72 -29.51
N ALA A 156 4.97 5.01 -28.96
CA ALA A 156 4.83 3.58 -29.24
C ALA A 156 3.83 3.32 -30.36
N SER A 157 3.34 4.38 -30.97
CA SER A 157 2.46 4.27 -32.12
C SER A 157 1.27 3.38 -31.83
N LEU A 158 0.69 3.50 -30.64
CA LEU A 158 -0.50 2.72 -30.34
C LEU A 158 -1.66 3.22 -31.16
N LYS A 159 -2.50 2.30 -31.63
CA LYS A 159 -3.62 2.65 -32.48
C LYS A 159 -4.90 2.64 -31.65
N ARG A 160 -5.93 3.31 -32.15
CA ARG A 160 -7.25 3.28 -31.53
C ARG A 160 -7.19 3.55 -30.02
N ASN A 161 -6.36 4.51 -29.62
CA ASN A 161 -6.31 5.00 -28.24
C ASN A 161 -7.71 5.37 -27.77
N PRO A 162 -8.24 4.65 -26.76
CA PRO A 162 -9.66 4.84 -26.40
C PRO A 162 -9.89 6.06 -25.52
N PHE A 163 -8.81 6.71 -25.08
CA PHE A 163 -8.95 7.87 -24.19
C PHE A 163 -9.21 9.16 -24.94
N HIS A 164 -10.16 9.94 -24.45
CA HIS A 164 -10.41 11.27 -25.00
C HIS A 164 -9.08 12.00 -25.15
N PRO A 165 -8.84 12.59 -26.34
CA PRO A 165 -7.58 13.28 -26.64
C PRO A 165 -7.29 14.53 -25.82
N PHE A 166 -8.32 15.20 -25.31
CA PHE A 166 -8.04 16.38 -24.49
C PHE A 166 -8.80 16.45 -23.15
N ALA A 167 -9.99 15.86 -23.09
CA ALA A 167 -10.83 15.96 -21.90
C ALA A 167 -10.39 14.99 -20.80
N THR A 168 -10.52 15.43 -19.56
CA THR A 168 -10.20 14.62 -18.39
C THR A 168 -11.17 14.92 -17.24
N PHE A 169 -11.21 14.02 -16.25
CA PHE A 169 -11.87 14.28 -14.98
C PHE A 169 -10.82 14.46 -13.90
N ASP A 170 -10.54 15.72 -13.57
CA ASP A 170 -9.49 16.06 -12.62
C ASP A 170 -10.03 15.99 -11.19
N THR A 171 -9.45 15.11 -10.38
CA THR A 171 -9.93 14.96 -9.01
C THR A 171 -9.53 16.13 -8.12
N ALA A 172 -8.53 16.92 -8.52
CA ALA A 172 -8.17 18.11 -7.74
C ALA A 172 -9.32 19.14 -7.82
N ALA A 173 -9.82 19.39 -9.02
CA ALA A 173 -10.94 20.31 -9.18
C ALA A 173 -12.23 19.78 -8.51
N LEU A 174 -12.51 18.49 -8.67
CA LEU A 174 -13.74 17.90 -8.14
C LEU A 174 -13.74 17.90 -6.62
N ALA A 175 -12.58 17.61 -6.04
CA ALA A 175 -12.41 17.65 -4.59
C ALA A 175 -12.49 19.10 -4.10
N GLY A 176 -12.05 20.03 -4.93
CA GLY A 176 -12.10 21.43 -4.54
C GLY A 176 -13.56 21.82 -4.36
N LEU A 177 -14.38 21.41 -5.31
CA LEU A 177 -15.82 21.60 -5.23
C LEU A 177 -16.46 20.83 -4.08
N ALA A 178 -16.23 19.51 -4.05
CA ALA A 178 -16.98 18.66 -3.14
C ALA A 178 -16.56 18.76 -1.68
N LEU A 179 -15.27 19.03 -1.45
CA LEU A 179 -14.66 18.90 -0.12
C LEU A 179 -13.86 20.14 0.27
N GLY A 180 -13.76 21.10 -0.64
CA GLY A 180 -12.97 22.29 -0.39
C GLY A 180 -11.50 21.99 -0.19
N GLN A 181 -11.02 20.89 -0.76
CA GLN A 181 -9.59 20.53 -0.70
C GLN A 181 -9.08 20.15 -2.09
N THR A 182 -7.84 20.50 -2.40
CA THR A 182 -7.27 20.18 -3.70
C THR A 182 -6.06 19.24 -3.65
N VAL A 183 -5.37 19.24 -2.52
CA VAL A 183 -4.27 18.30 -2.27
C VAL A 183 -4.83 16.90 -2.01
N LEU A 184 -4.28 15.91 -2.71
CA LEU A 184 -4.79 14.53 -2.64
C LEU A 184 -4.90 13.97 -1.23
N SER A 185 -3.81 14.03 -0.46
CA SER A 185 -3.83 13.51 0.90
C SER A 185 -4.96 14.14 1.72
N LYS A 186 -5.03 15.47 1.72
CA LYS A 186 -6.06 16.18 2.47
C LYS A 186 -7.48 15.89 2.00
N ALA A 187 -7.70 15.90 0.68
CA ALA A 187 -9.03 15.61 0.14
C ALA A 187 -9.51 14.25 0.60
N CYS A 188 -8.61 13.27 0.55
CA CYS A 188 -8.92 11.90 0.99
C CYS A 188 -9.31 11.89 2.47
N GLN A 189 -8.48 12.51 3.31
CA GLN A 189 -8.79 12.61 4.73
C GLN A 189 -10.12 13.32 4.99
N THR A 190 -10.35 14.45 4.30
CA THR A 190 -11.61 15.18 4.44
C THR A 190 -12.83 14.33 4.01
N ALA A 191 -12.62 13.42 3.06
CA ALA A 191 -13.70 12.56 2.57
C ALA A 191 -13.95 11.40 3.53
N GLY A 192 -13.17 11.35 4.60
CA GLY A 192 -13.28 10.29 5.58
C GLY A 192 -12.59 9.01 5.16
N MET A 193 -11.62 9.09 4.26
CA MET A 193 -10.87 7.92 3.85
C MET A 193 -9.59 7.77 4.66
N ASP A 194 -9.06 6.54 4.72
CA ASP A 194 -7.70 6.34 5.20
C ASP A 194 -6.75 7.00 4.20
N PHE A 195 -5.69 7.63 4.71
CA PHE A 195 -4.57 8.00 3.84
C PHE A 195 -3.22 7.88 4.56
N ASP A 196 -2.37 7.01 4.02
CA ASP A 196 -1.11 6.68 4.65
C ASP A 196 0.06 7.35 3.93
N SER A 197 0.75 8.26 4.64
CA SER A 197 1.89 8.98 4.08
C SER A 197 3.01 8.05 3.62
N THR A 198 3.09 6.89 4.28
CA THR A 198 4.11 5.91 3.98
C THR A 198 3.85 5.17 2.65
N GLN A 199 2.57 5.00 2.30
CA GLN A 199 2.24 4.30 1.05
C GLN A 199 2.14 5.29 -0.12
N ALA A 200 1.93 6.56 0.20
CA ALA A 200 1.86 7.61 -0.82
C ALA A 200 3.01 7.58 -1.82
N HIS A 201 2.71 7.97 -3.06
CA HIS A 201 3.73 8.15 -4.11
C HIS A 201 4.15 6.85 -4.81
N SER A 202 3.45 5.77 -4.51
CA SER A 202 3.51 4.56 -5.32
C SER A 202 2.35 4.59 -6.29
N ALA A 203 2.59 4.25 -7.56
CA ALA A 203 1.53 4.33 -8.56
C ALA A 203 0.27 3.64 -8.10
N LEU A 204 0.41 2.39 -7.65
CA LEU A 204 -0.76 1.57 -7.31
C LEU A 204 -1.56 2.18 -6.15
N TYR A 205 -0.89 2.52 -5.06
CA TYR A 205 -1.57 3.10 -3.92
C TYR A 205 -2.25 4.42 -4.27
N ASP A 206 -1.55 5.28 -5.01
CA ASP A 206 -2.10 6.58 -5.36
C ASP A 206 -3.28 6.42 -6.31
N THR A 207 -3.21 5.45 -7.22
CA THR A 207 -4.32 5.25 -8.13
C THR A 207 -5.55 4.78 -7.37
N GLU A 208 -5.34 3.82 -6.46
CA GLU A 208 -6.44 3.24 -5.69
C GLU A 208 -7.13 4.29 -4.81
N ARG A 209 -6.35 5.11 -4.10
CA ARG A 209 -6.95 6.19 -3.30
C ARG A 209 -7.72 7.18 -4.18
N THR A 210 -7.17 7.48 -5.34
CA THR A 210 -7.78 8.45 -6.25
C THR A 210 -9.10 7.91 -6.77
N ALA A 211 -9.15 6.60 -7.01
CA ALA A 211 -10.36 5.99 -7.50
C ALA A 211 -11.44 6.01 -6.43
N VAL A 212 -11.05 5.68 -5.20
CA VAL A 212 -12.00 5.67 -4.08
C VAL A 212 -12.52 7.09 -3.84
N LEU A 213 -11.62 8.07 -3.90
CA LEU A 213 -12.00 9.48 -3.78
C LEU A 213 -12.98 9.90 -4.86
N PHE A 214 -12.67 9.57 -6.11
CA PHE A 214 -13.57 9.92 -7.22
C PHE A 214 -14.95 9.30 -7.02
N CYS A 215 -14.98 8.03 -6.63
CA CYS A 215 -16.24 7.33 -6.42
C CYS A 215 -17.03 7.93 -5.25
N GLU A 216 -16.32 8.32 -4.20
CA GLU A 216 -16.96 8.93 -3.05
C GLU A 216 -17.59 10.27 -3.41
N ILE A 217 -16.90 11.05 -4.24
CA ILE A 217 -17.42 12.35 -4.65
C ILE A 217 -18.66 12.16 -5.50
N VAL A 218 -18.62 11.19 -6.41
CA VAL A 218 -19.77 10.92 -7.25
C VAL A 218 -20.93 10.36 -6.42
N ASN A 219 -20.62 9.36 -5.58
CA ASN A 219 -21.64 8.77 -4.71
C ASN A 219 -22.25 9.78 -3.74
N ARG A 220 -21.43 10.70 -3.24
CA ARG A 220 -21.91 11.75 -2.36
C ARG A 220 -22.94 12.67 -3.05
N TRP A 221 -22.64 13.08 -4.27
CA TRP A 221 -23.54 13.91 -5.05
C TRP A 221 -24.92 13.25 -5.23
N LYS A 222 -24.92 11.93 -5.40
CA LYS A 222 -26.17 11.18 -5.55
C LYS A 222 -26.89 11.06 -4.19
N ARG A 223 -26.12 10.81 -3.13
CA ARG A 223 -26.69 10.73 -1.78
C ARG A 223 -27.40 12.02 -1.33
N LEU A 224 -26.91 13.17 -1.79
CA LEU A 224 -27.49 14.44 -1.37
C LEU A 224 -28.66 14.83 -2.26
N GLY A 225 -28.92 14.03 -3.29
CA GLY A 225 -30.02 14.30 -4.21
C GLY A 225 -29.66 15.13 -5.44
N GLY A 226 -28.37 15.41 -5.63
CA GLY A 226 -27.94 16.21 -6.77
C GLY A 226 -28.07 15.46 -8.07
N TRP A 227 -28.14 14.14 -7.96
CA TRP A 227 -28.26 13.26 -9.12
C TRP A 227 -29.13 12.07 -8.70
N PRO A 228 -30.03 11.61 -9.59
CA PRO A 228 -30.33 12.18 -10.91
C PRO A 228 -30.93 13.58 -10.82
N LEU A 229 -30.97 14.28 -11.96
CA LEU A 229 -31.48 15.64 -11.96
C LEU A 229 -33.01 15.65 -11.96
N SER A 230 -33.58 16.82 -11.71
CA SER A 230 -35.03 17.00 -11.72
C SER A 230 -35.59 17.31 -13.11
N ALA A 231 -35.33 18.52 -13.62
CA ALA A 231 -35.91 18.97 -14.89
C ALA A 231 -35.05 18.67 -16.13
N ALA A 232 -35.66 17.96 -17.08
CA ALA A 232 -34.96 17.50 -18.28
C ALA A 232 -34.74 18.61 -19.31
N ASN B 24 -15.39 44.17 3.97
CA ASN B 24 -15.02 43.94 2.59
C ASN B 24 -14.96 42.46 2.25
N ALA B 25 -14.21 42.11 1.20
CA ALA B 25 -14.11 40.72 0.75
C ALA B 25 -13.41 39.82 1.78
N GLN B 26 -12.64 40.45 2.67
CA GLN B 26 -12.02 39.75 3.80
C GLN B 26 -13.07 39.05 4.67
N LEU B 27 -14.27 39.61 4.69
CA LEU B 27 -15.37 39.09 5.51
C LEU B 27 -16.38 38.24 4.74
N THR B 28 -16.04 37.83 3.52
CA THR B 28 -16.98 37.08 2.67
C THR B 28 -16.80 35.56 2.69
N GLY B 29 -15.63 35.07 3.04
CA GLY B 29 -15.42 33.63 3.07
C GLY B 29 -15.02 33.00 1.74
N LEU B 30 -14.88 33.83 0.70
CA LEU B 30 -14.38 33.34 -0.57
C LEU B 30 -13.06 32.59 -0.36
N CYS B 31 -12.19 33.18 0.47
CA CYS B 31 -10.89 32.60 0.80
C CYS B 31 -10.97 31.31 1.63
N ASP B 32 -12.15 30.99 2.13
CA ASP B 32 -12.34 29.76 2.93
C ASP B 32 -12.93 28.63 2.08
N ARG B 33 -13.49 28.99 0.93
CA ARG B 33 -14.19 28.02 0.12
C ARG B 33 -13.23 27.07 -0.62
N PHE B 34 -12.16 27.63 -1.19
CA PHE B 34 -11.24 26.80 -1.95
C PHE B 34 -9.82 26.80 -1.40
N ARG B 35 -9.69 26.49 -0.11
CA ARG B 35 -8.40 26.51 0.62
C ARG B 35 -7.47 27.68 0.27
N GLY B 36 -8.03 28.88 0.21
CA GLY B 36 -7.25 30.08 -0.04
C GLY B 36 -6.98 30.38 -1.50
N PHE B 37 -7.54 29.56 -2.40
CA PHE B 37 -7.41 29.80 -3.85
C PHE B 37 -8.48 30.76 -4.37
N TYR B 38 -8.04 31.70 -5.21
CA TYR B 38 -8.89 32.77 -5.72
C TYR B 38 -9.26 32.44 -7.17
N PRO B 39 -10.49 31.95 -7.39
CA PRO B 39 -10.91 31.40 -8.68
C PRO B 39 -11.13 32.47 -9.75
N VAL B 40 -10.41 32.34 -10.86
CA VAL B 40 -10.53 33.32 -11.93
C VAL B 40 -10.90 32.60 -13.22
N VAL B 41 -12.04 32.98 -13.78
CA VAL B 41 -12.55 32.36 -14.99
C VAL B 41 -11.84 32.92 -16.23
N ILE B 42 -11.30 32.04 -17.07
CA ILE B 42 -10.51 32.45 -18.23
C ILE B 42 -10.98 31.74 -19.48
N ASP B 43 -11.13 32.50 -20.56
CA ASP B 43 -11.29 31.93 -21.89
C ASP B 43 -10.35 32.65 -22.87
N VAL B 44 -9.64 31.87 -23.69
CA VAL B 44 -8.81 32.44 -24.74
C VAL B 44 -9.27 32.01 -26.13
N GLU B 45 -9.06 32.87 -27.12
CA GLU B 45 -9.20 32.46 -28.50
C GLU B 45 -7.81 32.49 -29.11
N THR B 46 -7.53 31.55 -30.01
CA THR B 46 -6.18 31.34 -30.48
C THR B 46 -6.19 31.17 -31.99
N ALA B 47 -5.01 31.07 -32.58
CA ALA B 47 -4.93 30.74 -34.00
C ALA B 47 -4.46 29.30 -34.20
N GLY B 48 -4.91 28.41 -33.31
CA GLY B 48 -4.60 26.99 -33.43
C GLY B 48 -4.51 26.32 -32.07
N PHE B 49 -4.17 25.04 -32.07
CA PHE B 49 -4.19 24.22 -30.86
C PHE B 49 -2.87 24.14 -30.10
N ASN B 50 -1.79 24.66 -30.67
CA ASN B 50 -0.49 24.54 -30.03
C ASN B 50 -0.09 25.80 -29.26
N ALA B 51 -0.01 25.68 -27.94
CA ALA B 51 0.25 26.83 -27.09
C ALA B 51 1.61 27.45 -27.34
N LYS B 52 2.57 26.61 -27.75
CA LYS B 52 3.94 27.05 -27.94
C LYS B 52 4.17 27.77 -29.27
N THR B 53 3.43 27.36 -30.29
CA THR B 53 3.67 27.88 -31.62
C THR B 53 2.52 28.71 -32.23
N ASP B 54 1.30 28.51 -31.72
CA ASP B 54 0.16 29.23 -32.28
C ASP B 54 -0.18 30.55 -31.57
N ALA B 55 -0.69 31.52 -32.33
CA ALA B 55 -0.95 32.84 -31.80
C ALA B 55 -2.05 32.83 -30.74
N LEU B 56 -1.81 33.55 -29.64
CA LEU B 56 -2.88 33.87 -28.70
C LEU B 56 -3.54 35.15 -29.20
N LEU B 57 -4.84 35.08 -29.48
CA LEU B 57 -5.51 36.20 -30.15
C LEU B 57 -6.43 37.03 -29.28
N GLU B 58 -6.91 36.45 -28.18
CA GLU B 58 -7.92 37.11 -27.35
C GLU B 58 -8.05 36.38 -26.03
N ILE B 59 -8.36 37.13 -24.98
CA ILE B 59 -8.48 36.57 -23.65
C ILE B 59 -9.47 37.40 -22.84
N ALA B 60 -10.34 36.70 -22.12
CA ALA B 60 -11.25 37.34 -21.18
C ALA B 60 -11.06 36.72 -19.80
N ALA B 61 -11.16 37.54 -18.76
CA ALA B 61 -11.03 37.08 -17.39
C ALA B 61 -12.17 37.63 -16.54
N ILE B 62 -12.73 36.79 -15.69
CA ILE B 62 -13.79 37.24 -14.78
C ILE B 62 -13.44 36.72 -13.40
N THR B 63 -13.22 37.63 -12.47
CA THR B 63 -12.97 37.23 -11.09
C THR B 63 -14.34 36.99 -10.44
N LEU B 64 -14.34 36.33 -9.29
CA LEU B 64 -15.59 35.99 -8.62
C LEU B 64 -15.64 36.58 -7.21
N LYS B 65 -16.85 36.64 -6.67
CA LYS B 65 -17.03 37.08 -5.28
C LYS B 65 -18.14 36.28 -4.62
N MET B 66 -18.16 36.30 -3.30
CA MET B 66 -19.18 35.61 -2.53
C MET B 66 -20.11 36.66 -1.92
N ASP B 67 -21.42 36.53 -2.14
CA ASP B 67 -22.36 37.51 -1.57
C ASP B 67 -22.60 37.29 -0.07
N GLU B 68 -23.50 38.07 0.51
CA GLU B 68 -23.75 38.02 1.95
C GLU B 68 -24.34 36.68 2.44
N GLN B 69 -25.01 35.95 1.55
CA GLN B 69 -25.54 34.65 1.93
C GLN B 69 -24.57 33.52 1.62
N GLY B 70 -23.48 33.84 0.92
CA GLY B 70 -22.47 32.85 0.62
C GLY B 70 -22.64 32.26 -0.77
N TRP B 71 -23.38 32.97 -1.61
CA TRP B 71 -23.51 32.54 -3.00
C TRP B 71 -22.37 33.15 -3.82
N LEU B 72 -21.86 32.36 -4.77
CA LEU B 72 -20.76 32.80 -5.61
C LEU B 72 -21.32 33.48 -6.87
N MET B 73 -20.69 34.57 -7.30
CA MET B 73 -21.16 35.30 -8.48
C MET B 73 -20.00 36.05 -9.12
N PRO B 74 -20.15 36.44 -10.40
CA PRO B 74 -19.08 37.19 -11.07
C PRO B 74 -18.80 38.53 -10.40
N ASP B 75 -17.54 38.94 -10.42
CA ASP B 75 -17.16 40.23 -9.86
C ASP B 75 -16.67 41.16 -10.98
N THR B 76 -15.39 41.05 -11.32
CA THR B 76 -14.76 41.94 -12.32
C THR B 76 -14.53 41.25 -13.67
N THR B 77 -14.87 41.92 -14.77
CA THR B 77 -14.62 41.38 -16.11
C THR B 77 -13.51 42.17 -16.81
N LEU B 78 -12.61 41.43 -17.47
CA LEU B 78 -11.52 42.01 -18.26
C LEU B 78 -11.60 41.35 -19.62
N HIS B 79 -11.18 42.06 -20.66
CA HIS B 79 -11.28 41.54 -22.03
C HIS B 79 -10.25 42.22 -22.93
N PHE B 80 -9.37 41.44 -23.54
CA PHE B 80 -8.34 42.00 -24.40
C PHE B 80 -8.24 41.23 -25.71
N HIS B 81 -8.04 41.98 -26.79
CA HIS B 81 -7.66 41.40 -28.06
C HIS B 81 -6.13 41.44 -28.11
N VAL B 82 -5.51 40.38 -28.61
CA VAL B 82 -4.08 40.21 -28.42
C VAL B 82 -3.35 40.13 -29.75
N GLU B 83 -2.25 40.87 -29.86
CA GLU B 83 -1.38 40.81 -31.03
C GLU B 83 -0.60 39.50 -31.02
N PRO B 84 -0.63 38.76 -32.15
CA PRO B 84 0.17 37.54 -32.24
C PRO B 84 1.64 37.82 -31.90
N PHE B 85 2.23 36.98 -31.06
CA PHE B 85 3.63 37.18 -30.67
C PHE B 85 4.52 37.02 -31.90
N VAL B 86 5.76 37.52 -31.80
CA VAL B 86 6.67 37.48 -32.94
C VAL B 86 6.92 36.05 -33.42
N GLY B 87 6.60 35.81 -34.68
CA GLY B 87 6.79 34.49 -35.28
C GLY B 87 5.69 33.49 -34.99
N ALA B 88 4.59 33.94 -34.39
CA ALA B 88 3.46 33.05 -34.11
C ALA B 88 2.86 32.46 -35.38
N ASN B 89 2.35 31.25 -35.28
CA ASN B 89 1.62 30.62 -36.38
C ASN B 89 0.15 31.00 -36.37
N LEU B 90 -0.46 31.08 -37.54
CA LEU B 90 -1.89 31.35 -37.65
C LEU B 90 -2.52 30.30 -38.54
N GLN B 91 -3.20 29.33 -37.93
CA GLN B 91 -3.92 28.32 -38.68
C GLN B 91 -5.24 28.88 -39.19
N PRO B 92 -5.48 28.77 -40.50
CA PRO B 92 -6.68 29.35 -41.15
C PRO B 92 -7.99 28.76 -40.63
N GLU B 93 -7.99 27.47 -40.32
CA GLU B 93 -9.20 26.85 -39.80
C GLU B 93 -9.55 27.36 -38.41
N ALA B 94 -8.54 27.72 -37.61
CA ALA B 94 -8.81 28.30 -36.31
C ALA B 94 -9.47 29.67 -36.51
N LEU B 95 -8.93 30.45 -37.44
CA LEU B 95 -9.50 31.75 -37.76
C LEU B 95 -10.92 31.60 -38.32
N ALA B 96 -11.10 30.62 -39.21
CA ALA B 96 -12.43 30.30 -39.72
C ALA B 96 -13.38 29.89 -38.60
N PHE B 97 -12.84 29.19 -37.59
CA PHE B 97 -13.67 28.75 -36.47
C PHE B 97 -14.13 29.91 -35.60
N ASN B 98 -13.17 30.70 -35.10
CA ASN B 98 -13.48 31.76 -34.16
C ASN B 98 -13.88 33.09 -34.81
N GLY B 99 -13.71 33.19 -36.13
CA GLY B 99 -14.10 34.37 -36.89
C GLY B 99 -13.19 35.57 -36.66
N ILE B 100 -11.98 35.32 -36.18
CA ILE B 100 -11.06 36.42 -35.90
C ILE B 100 -10.15 36.77 -37.07
N ASP B 101 -10.21 38.02 -37.50
CA ASP B 101 -9.31 38.55 -38.51
C ASP B 101 -8.26 39.43 -37.82
N PRO B 102 -7.03 38.93 -37.71
CA PRO B 102 -5.94 39.62 -37.00
C PRO B 102 -5.62 40.99 -37.60
N ASN B 103 -6.02 41.20 -38.86
CA ASN B 103 -5.73 42.46 -39.55
C ASN B 103 -6.91 43.43 -39.57
N ASP B 104 -7.95 43.12 -38.79
CA ASP B 104 -9.08 44.01 -38.62
C ASP B 104 -8.61 45.26 -37.88
N PRO B 105 -8.78 46.43 -38.52
CA PRO B 105 -8.38 47.72 -37.94
C PRO B 105 -8.93 47.97 -36.54
N ASP B 106 -10.20 47.72 -36.30
CA ASP B 106 -10.75 48.04 -34.99
C ASP B 106 -10.83 46.84 -34.02
N ARG B 107 -9.80 45.99 -34.06
CA ARG B 107 -9.61 44.97 -33.04
C ARG B 107 -9.03 45.60 -31.77
N GLY B 108 -8.27 46.68 -31.94
CA GLY B 108 -7.65 47.33 -30.81
C GLY B 108 -6.71 46.38 -30.07
N ALA B 109 -5.93 45.64 -30.84
CA ALA B 109 -5.00 44.67 -30.29
C ALA B 109 -3.97 45.31 -29.36
N VAL B 110 -3.69 44.65 -28.24
CA VAL B 110 -2.58 45.01 -27.38
C VAL B 110 -1.63 43.81 -27.32
N SER B 111 -0.43 44.05 -26.83
CA SER B 111 0.59 43.01 -26.70
C SER B 111 0.25 42.03 -25.59
N GLU B 112 0.81 40.82 -25.68
CA GLU B 112 0.65 39.83 -24.63
C GLU B 112 1.03 40.41 -23.28
N TYR B 113 2.17 41.10 -23.23
CA TYR B 113 2.63 41.70 -21.98
C TYR B 113 1.58 42.65 -21.41
N GLU B 114 1.03 43.49 -22.25
CA GLU B 114 0.07 44.49 -21.83
C GLU B 114 -1.20 43.80 -21.30
N ALA B 115 -1.77 42.92 -22.11
CA ALA B 115 -2.96 42.16 -21.71
C ALA B 115 -2.75 41.41 -20.39
N LEU B 116 -1.68 40.61 -20.31
CA LEU B 116 -1.41 39.84 -19.09
C LEU B 116 -1.07 40.70 -17.88
N HIS B 117 -0.36 41.79 -18.11
CA HIS B 117 0.02 42.67 -17.02
C HIS B 117 -1.23 43.25 -16.36
N GLU B 118 -2.20 43.63 -17.17
CA GLU B 118 -3.42 44.21 -16.61
C GLU B 118 -4.28 43.15 -15.90
N ILE B 119 -4.39 41.97 -16.51
CA ILE B 119 -5.09 40.86 -15.86
C ILE B 119 -4.40 40.47 -14.55
N PHE B 120 -3.09 40.26 -14.59
CA PHE B 120 -2.36 39.89 -13.37
C PHE B 120 -2.49 40.95 -12.27
N LYS B 121 -2.43 42.22 -12.66
CA LYS B 121 -2.58 43.31 -11.69
C LYS B 121 -3.92 43.21 -10.95
N VAL B 122 -5.01 43.10 -11.73
CA VAL B 122 -6.36 42.98 -11.15
C VAL B 122 -6.52 41.72 -10.29
N VAL B 123 -6.00 40.60 -10.77
CA VAL B 123 -6.06 39.36 -9.99
C VAL B 123 -5.33 39.47 -8.64
N ARG B 124 -4.12 40.04 -8.65
CA ARG B 124 -3.35 40.19 -7.41
C ARG B 124 -4.09 41.05 -6.41
N LYS B 125 -4.68 42.15 -6.88
CA LYS B 125 -5.45 43.02 -6.03
C LYS B 125 -6.63 42.25 -5.42
N GLY B 126 -7.34 41.49 -6.25
CA GLY B 126 -8.46 40.69 -5.79
C GLY B 126 -8.01 39.70 -4.73
N ILE B 127 -6.88 39.05 -4.96
CA ILE B 127 -6.32 38.11 -4.00
C ILE B 127 -6.05 38.76 -2.64
N LYS B 128 -5.41 39.92 -2.67
CA LYS B 128 -5.09 40.66 -1.45
C LYS B 128 -6.35 41.09 -0.70
N ALA B 129 -7.31 41.67 -1.42
CA ALA B 129 -8.51 42.19 -0.78
C ALA B 129 -9.43 41.07 -0.29
N SER B 130 -9.21 39.86 -0.80
CA SER B 130 -10.02 38.70 -0.42
C SER B 130 -9.40 37.83 0.67
N GLY B 131 -8.10 38.00 0.90
CA GLY B 131 -7.42 37.21 1.90
C GLY B 131 -7.04 35.84 1.39
N CYS B 132 -7.10 35.67 0.08
CA CYS B 132 -6.59 34.48 -0.58
C CYS B 132 -5.08 34.55 -0.66
N ASN B 133 -4.46 33.50 -1.20
CA ASN B 133 -3.01 33.47 -1.33
C ASN B 133 -2.51 33.17 -2.75
N ARG B 134 -3.41 32.76 -3.63
CA ARG B 134 -3.04 32.37 -4.99
C ARG B 134 -4.28 32.27 -5.86
N ALA B 135 -4.14 32.46 -7.18
CA ALA B 135 -5.30 32.34 -8.05
C ALA B 135 -5.32 30.97 -8.71
N ILE B 136 -6.52 30.51 -9.05
CA ILE B 136 -6.66 29.27 -9.78
C ILE B 136 -7.56 29.52 -10.97
N MET B 137 -7.06 29.14 -12.15
CA MET B 137 -7.81 29.35 -13.37
C MET B 137 -9.01 28.43 -13.44
N VAL B 138 -10.17 29.03 -13.70
CA VAL B 138 -11.38 28.30 -14.00
C VAL B 138 -11.62 28.42 -15.51
N ALA B 139 -11.74 27.29 -16.22
CA ALA B 139 -11.88 27.31 -17.67
C ALA B 139 -12.46 25.98 -18.17
N HIS B 140 -13.08 25.99 -19.34
CA HIS B 140 -13.73 24.79 -19.88
C HIS B 140 -12.73 23.96 -20.69
N ASN B 141 -12.48 22.73 -20.26
CA ASN B 141 -11.29 21.97 -20.66
C ASN B 141 -10.07 22.80 -20.37
N ALA B 142 -9.92 23.13 -19.09
CA ALA B 142 -9.04 24.20 -18.62
C ALA B 142 -7.56 24.08 -19.01
N ASN B 143 -7.08 22.87 -19.29
CA ASN B 143 -5.68 22.74 -19.68
C ASN B 143 -5.35 23.54 -20.94
N PHE B 144 -6.34 23.70 -21.81
CA PHE B 144 -6.16 24.48 -23.04
C PHE B 144 -5.83 25.93 -22.72
N ASP B 145 -6.68 26.56 -21.93
CA ASP B 145 -6.52 27.97 -21.63
C ASP B 145 -5.30 28.20 -20.73
N HIS B 146 -5.09 27.29 -19.78
CA HIS B 146 -3.95 27.36 -18.89
C HIS B 146 -2.65 27.36 -19.69
N SER B 147 -2.52 26.41 -20.61
CA SER B 147 -1.29 26.26 -21.36
C SER B 147 -1.03 27.50 -22.21
N PHE B 148 -2.07 28.04 -22.85
CA PHE B 148 -1.90 29.25 -23.64
C PHE B 148 -1.52 30.45 -22.79
N MET B 149 -2.21 30.62 -21.66
CA MET B 149 -1.91 31.72 -20.75
C MET B 149 -0.49 31.65 -20.19
N MET B 150 -0.04 30.45 -19.84
CA MET B 150 1.29 30.32 -19.25
C MET B 150 2.38 30.56 -20.31
N ALA B 151 2.19 30.03 -21.51
CA ALA B 151 3.12 30.24 -22.61
C ALA B 151 3.31 31.73 -22.88
N ALA B 152 2.20 32.47 -22.97
CA ALA B 152 2.27 33.91 -23.17
C ALA B 152 2.95 34.64 -22.00
N ALA B 153 2.67 34.20 -20.78
CA ALA B 153 3.31 34.80 -19.60
C ALA B 153 4.83 34.62 -19.69
N GLU B 154 5.25 33.42 -20.09
CA GLU B 154 6.67 33.14 -20.27
C GLU B 154 7.25 34.00 -21.39
N ARG B 155 6.58 34.03 -22.53
CA ARG B 155 7.02 34.84 -23.67
C ARG B 155 7.30 36.28 -23.27
N ALA B 156 6.34 36.90 -22.58
CA ALA B 156 6.45 38.29 -22.16
C ALA B 156 7.22 38.45 -20.86
N SER B 157 7.75 37.36 -20.34
CA SER B 157 8.55 37.38 -19.12
C SER B 157 7.84 38.14 -18.01
N LEU B 158 6.58 37.81 -17.77
CA LEU B 158 5.84 38.47 -16.71
C LEU B 158 6.24 37.98 -15.33
N LYS B 159 6.28 38.89 -14.37
CA LYS B 159 6.76 38.59 -13.03
C LYS B 159 5.61 38.29 -12.07
N ARG B 160 5.93 37.63 -10.96
CA ARG B 160 4.96 37.27 -9.93
C ARG B 160 3.58 36.93 -10.50
N ASN B 161 3.56 35.94 -11.39
CA ASN B 161 2.34 35.38 -11.95
C ASN B 161 1.48 34.76 -10.84
N PRO B 162 0.27 35.32 -10.63
CA PRO B 162 -0.53 34.91 -9.46
C PRO B 162 -1.28 33.58 -9.67
N PHE B 163 -1.24 33.03 -10.88
CA PHE B 163 -1.94 31.77 -11.15
C PHE B 163 -1.12 30.55 -10.74
N HIS B 164 -1.80 29.56 -10.16
CA HIS B 164 -1.19 28.29 -9.86
C HIS B 164 -0.57 27.75 -11.14
N PRO B 165 0.70 27.34 -11.08
CA PRO B 165 1.44 26.86 -12.26
C PRO B 165 0.95 25.56 -12.86
N PHE B 166 0.17 24.76 -12.13
CA PHE B 166 -0.32 23.52 -12.73
C PHE B 166 -1.77 23.13 -12.41
N ALA B 167 -2.30 23.61 -11.30
CA ALA B 167 -3.65 23.22 -10.89
C ALA B 167 -4.70 24.11 -11.55
N THR B 168 -5.83 23.50 -11.92
CA THR B 168 -6.95 24.25 -12.47
C THR B 168 -8.31 23.74 -11.96
N PHE B 169 -9.36 24.55 -12.20
CA PHE B 169 -10.73 24.12 -11.99
C PHE B 169 -11.40 23.98 -13.34
N ASP B 170 -11.41 22.75 -13.86
CA ASP B 170 -11.97 22.46 -15.17
C ASP B 170 -13.48 22.30 -15.12
N THR B 171 -14.19 23.17 -15.84
CA THR B 171 -15.66 23.16 -15.80
C THR B 171 -16.26 21.98 -16.57
N ALA B 172 -15.52 21.42 -17.52
CA ALA B 172 -15.96 20.19 -18.17
C ALA B 172 -16.07 19.06 -17.14
N ALA B 173 -15.05 18.91 -16.30
CA ALA B 173 -15.07 17.85 -15.31
C ALA B 173 -16.15 18.13 -14.26
N LEU B 174 -16.24 19.37 -13.83
CA LEU B 174 -17.20 19.74 -12.79
C LEU B 174 -18.64 19.59 -13.28
N ALA B 175 -18.86 19.94 -14.54
CA ALA B 175 -20.18 19.80 -15.12
C ALA B 175 -20.54 18.32 -15.32
N GLY B 176 -19.53 17.49 -15.59
CA GLY B 176 -19.75 16.06 -15.71
C GLY B 176 -20.28 15.47 -14.42
N LEU B 177 -19.64 15.83 -13.32
CA LEU B 177 -20.12 15.47 -11.99
C LEU B 177 -21.52 16.02 -11.69
N ALA B 178 -21.67 17.33 -11.73
CA ALA B 178 -22.92 17.95 -11.27
C ALA B 178 -24.09 17.78 -12.24
N LEU B 179 -23.81 17.77 -13.54
CA LEU B 179 -24.88 17.82 -14.53
C LEU B 179 -24.87 16.66 -15.49
N GLY B 180 -23.87 15.80 -15.39
CA GLY B 180 -23.73 14.70 -16.33
C GLY B 180 -23.52 15.17 -17.76
N GLN B 181 -22.93 16.36 -17.92
CA GLN B 181 -22.60 16.91 -19.24
C GLN B 181 -21.18 17.50 -19.20
N THR B 182 -20.46 17.42 -20.32
CA THR B 182 -19.09 17.93 -20.39
C THR B 182 -18.91 18.95 -21.52
N VAL B 183 -19.87 19.01 -22.45
CA VAL B 183 -19.85 20.01 -23.52
C VAL B 183 -20.42 21.31 -22.95
N LEU B 184 -19.71 22.42 -23.14
CA LEU B 184 -20.14 23.70 -22.56
C LEU B 184 -21.58 24.09 -22.89
N SER B 185 -21.94 24.10 -24.18
CA SER B 185 -23.30 24.47 -24.56
C SER B 185 -24.35 23.62 -23.81
N LYS B 186 -24.17 22.30 -23.87
CA LYS B 186 -25.10 21.37 -23.24
C LYS B 186 -25.11 21.49 -21.72
N ALA B 187 -23.94 21.71 -21.12
CA ALA B 187 -23.87 21.81 -19.67
C ALA B 187 -24.65 23.04 -19.22
N CYS B 188 -24.44 24.16 -19.90
CA CYS B 188 -25.13 25.40 -19.59
C CYS B 188 -26.64 25.21 -19.72
N GLN B 189 -27.06 24.63 -20.84
CA GLN B 189 -28.47 24.33 -21.05
C GLN B 189 -29.06 23.41 -19.96
N THR B 190 -28.39 22.30 -19.67
CA THR B 190 -28.82 21.41 -18.59
C THR B 190 -28.98 22.14 -17.24
N ALA B 191 -28.12 23.12 -16.99
CA ALA B 191 -28.15 23.88 -15.74
C ALA B 191 -29.23 24.96 -15.72
N GLY B 192 -30.03 25.01 -16.78
CA GLY B 192 -31.12 25.98 -16.86
C GLY B 192 -30.65 27.38 -17.22
N MET B 193 -29.49 27.48 -17.87
CA MET B 193 -29.01 28.76 -18.35
C MET B 193 -29.38 28.95 -19.80
N ASP B 194 -29.50 30.20 -20.23
CA ASP B 194 -29.56 30.44 -21.66
C ASP B 194 -28.19 30.16 -22.27
N PHE B 195 -28.19 29.74 -23.53
CA PHE B 195 -26.98 29.60 -24.30
C PHE B 195 -27.31 29.83 -25.77
N ASP B 196 -26.55 30.73 -26.38
CA ASP B 196 -26.86 31.23 -27.71
C ASP B 196 -25.73 30.82 -28.64
N SER B 197 -26.03 29.94 -29.59
CA SER B 197 -25.02 29.43 -30.51
C SER B 197 -24.36 30.57 -31.29
N THR B 198 -25.12 31.64 -31.50
CA THR B 198 -24.64 32.74 -32.31
C THR B 198 -23.55 33.52 -31.59
N GLN B 199 -23.72 33.73 -30.29
CA GLN B 199 -22.73 34.48 -29.52
C GLN B 199 -21.53 33.59 -29.16
N ALA B 200 -21.74 32.27 -29.26
CA ALA B 200 -20.72 31.31 -28.86
C ALA B 200 -19.36 31.52 -29.52
N HIS B 201 -18.33 30.94 -28.90
CA HIS B 201 -16.98 30.92 -29.42
C HIS B 201 -16.34 32.29 -29.59
N SER B 202 -16.96 33.29 -28.97
CA SER B 202 -16.32 34.60 -28.75
C SER B 202 -15.83 34.64 -27.29
N ALA B 203 -14.70 35.28 -27.04
CA ALA B 203 -14.08 35.22 -25.71
C ALA B 203 -14.95 35.78 -24.57
N LEU B 204 -15.46 36.99 -24.72
CA LEU B 204 -16.29 37.60 -23.66
C LEU B 204 -17.47 36.69 -23.31
N TYR B 205 -18.23 36.30 -24.33
CA TYR B 205 -19.40 35.46 -24.13
C TYR B 205 -19.07 34.10 -23.49
N ASP B 206 -18.05 33.42 -24.01
CA ASP B 206 -17.68 32.11 -23.47
C ASP B 206 -17.23 32.23 -22.02
N THR B 207 -16.42 33.24 -21.72
CA THR B 207 -15.97 33.40 -20.34
C THR B 207 -17.14 33.64 -19.42
N GLU B 208 -18.07 34.48 -19.85
CA GLU B 208 -19.21 34.85 -19.01
C GLU B 208 -20.15 33.66 -18.76
N ARG B 209 -20.45 32.87 -19.79
CA ARG B 209 -21.25 31.67 -19.58
C ARG B 209 -20.53 30.67 -18.65
N THR B 210 -19.22 30.53 -18.85
CA THR B 210 -18.43 29.59 -18.07
C THR B 210 -18.41 30.01 -16.60
N ALA B 211 -18.35 31.32 -16.35
CA ALA B 211 -18.36 31.83 -14.99
C ALA B 211 -19.69 31.57 -14.31
N VAL B 212 -20.78 31.89 -15.00
CA VAL B 212 -22.13 31.61 -14.49
C VAL B 212 -22.32 30.12 -14.23
N LEU B 213 -21.86 29.28 -15.16
CA LEU B 213 -21.95 27.83 -15.00
C LEU B 213 -21.17 27.36 -13.76
N PHE B 214 -19.93 27.82 -13.63
CA PHE B 214 -19.11 27.46 -12.47
C PHE B 214 -19.81 27.90 -11.18
N CYS B 215 -20.36 29.11 -11.18
CA CYS B 215 -21.01 29.63 -9.97
C CYS B 215 -22.23 28.79 -9.61
N GLU B 216 -23.02 28.45 -10.62
CA GLU B 216 -24.21 27.61 -10.44
C GLU B 216 -23.86 26.22 -9.88
N ILE B 217 -22.77 25.61 -10.34
CA ILE B 217 -22.38 24.30 -9.81
C ILE B 217 -21.97 24.38 -8.34
N VAL B 218 -21.25 25.43 -7.98
CA VAL B 218 -20.85 25.60 -6.60
C VAL B 218 -22.07 25.96 -5.73
N ASN B 219 -22.91 26.85 -6.24
CA ASN B 219 -24.13 27.26 -5.54
C ASN B 219 -25.12 26.11 -5.35
N ARG B 220 -25.25 25.27 -6.37
CA ARG B 220 -26.11 24.09 -6.30
C ARG B 220 -25.64 23.09 -5.24
N TRP B 221 -24.32 22.93 -5.13
CA TRP B 221 -23.74 22.07 -4.12
C TRP B 221 -24.10 22.57 -2.72
N LYS B 222 -24.06 23.89 -2.55
CA LYS B 222 -24.43 24.50 -1.27
C LYS B 222 -25.93 24.35 -1.01
N ARG B 223 -26.75 24.65 -2.02
CA ARG B 223 -28.19 24.42 -1.93
C ARG B 223 -28.52 23.04 -1.39
N LEU B 224 -27.92 22.02 -1.98
CA LEU B 224 -28.28 20.65 -1.65
C LEU B 224 -27.70 20.18 -0.33
N GLY B 225 -26.99 21.07 0.36
CA GLY B 225 -26.42 20.76 1.66
C GLY B 225 -25.05 20.09 1.63
N GLY B 226 -24.43 20.04 0.46
CA GLY B 226 -23.13 19.39 0.31
C GLY B 226 -22.03 20.23 0.93
N TRP B 227 -22.29 21.53 1.09
CA TRP B 227 -21.34 22.48 1.68
C TRP B 227 -22.13 23.49 2.52
N PRO B 228 -21.58 23.89 3.67
CA PRO B 228 -20.34 23.41 4.29
C PRO B 228 -20.43 21.94 4.71
N LEU B 229 -19.31 21.38 5.16
CA LEU B 229 -19.28 19.98 5.55
C LEU B 229 -19.81 19.81 6.97
N SER B 230 -20.01 18.55 7.38
CA SER B 230 -20.49 18.23 8.72
C SER B 230 -19.34 18.18 9.72
N ALA B 231 -19.68 18.04 11.00
CA ALA B 231 -18.67 17.88 12.05
C ALA B 231 -17.67 16.79 11.68
N ALA B 232 -16.40 17.20 11.58
CA ALA B 232 -15.28 16.37 11.12
C ALA B 232 -14.55 17.07 9.96
N GLY C 29 1.35 -26.75 38.52
CA GLY C 29 2.73 -26.45 38.19
C GLY C 29 2.99 -26.41 36.70
N LEU C 30 3.80 -27.35 36.21
CA LEU C 30 4.24 -27.34 34.82
C LEU C 30 3.08 -27.49 33.84
N CYS C 31 2.11 -28.32 34.21
CA CYS C 31 1.00 -28.69 33.33
C CYS C 31 0.07 -27.52 33.04
N ASP C 32 0.10 -26.52 33.92
CA ASP C 32 -0.78 -25.37 33.81
C ASP C 32 -0.10 -24.21 33.10
N ARG C 33 1.22 -24.20 33.10
CA ARG C 33 1.96 -23.06 32.60
C ARG C 33 1.71 -22.82 31.11
N PHE C 34 1.73 -23.88 30.32
CA PHE C 34 1.56 -23.74 28.87
C PHE C 34 0.38 -24.54 28.33
N ARG C 35 -0.81 -24.26 28.87
CA ARG C 35 -2.04 -24.97 28.55
C ARG C 35 -1.86 -26.47 28.30
N GLY C 36 -1.07 -27.12 29.15
CA GLY C 36 -0.92 -28.56 29.09
C GLY C 36 0.22 -29.03 28.20
N PHE C 37 0.93 -28.11 27.54
CA PHE C 37 2.11 -28.50 26.76
C PHE C 37 3.33 -28.76 27.64
N TYR C 38 4.01 -29.86 27.36
CA TYR C 38 5.22 -30.26 28.06
C TYR C 38 6.42 -29.82 27.22
N PRO C 39 7.09 -28.72 27.63
CA PRO C 39 8.15 -28.15 26.80
C PRO C 39 9.45 -28.94 26.92
N VAL C 40 10.01 -29.33 25.77
CA VAL C 40 11.22 -30.12 25.74
C VAL C 40 12.21 -29.43 24.81
N VAL C 41 13.40 -29.16 25.33
CA VAL C 41 14.39 -28.42 24.59
C VAL C 41 15.15 -29.36 23.68
N ILE C 42 15.24 -28.99 22.40
CA ILE C 42 15.91 -29.82 21.40
C ILE C 42 16.98 -29.03 20.66
N ASP C 43 18.09 -29.68 20.37
CA ASP C 43 19.05 -29.13 19.43
C ASP C 43 19.60 -30.25 18.56
N VAL C 44 19.78 -29.94 17.29
CA VAL C 44 20.17 -30.92 16.30
C VAL C 44 21.41 -30.43 15.54
N GLU C 45 22.30 -31.36 15.21
CA GLU C 45 23.39 -31.05 14.29
C GLU C 45 23.14 -31.84 13.01
N THR C 46 23.44 -31.22 11.88
CA THR C 46 23.03 -31.78 10.61
C THR C 46 24.17 -31.66 9.61
N ALA C 47 24.00 -32.26 8.44
CA ALA C 47 24.97 -32.11 7.36
C ALA C 47 24.47 -31.13 6.31
N GLY C 48 23.60 -30.23 6.72
CA GLY C 48 23.07 -29.22 5.81
C GLY C 48 21.79 -28.57 6.31
N PHE C 49 21.21 -27.70 5.48
CA PHE C 49 20.04 -26.92 5.86
C PHE C 49 18.70 -27.54 5.45
N ASN C 50 18.74 -28.55 4.59
CA ASN C 50 17.49 -29.14 4.10
C ASN C 50 17.11 -30.43 4.84
N ALA C 51 15.97 -30.37 5.53
CA ALA C 51 15.53 -31.47 6.40
C ALA C 51 15.18 -32.75 5.64
N LYS C 52 14.76 -32.62 4.38
CA LYS C 52 14.34 -33.77 3.60
C LYS C 52 15.51 -34.50 2.93
N THR C 53 16.61 -33.79 2.70
CA THR C 53 17.70 -34.34 1.90
C THR C 53 19.01 -34.48 2.66
N ASP C 54 19.16 -33.75 3.77
CA ASP C 54 20.43 -33.73 4.47
C ASP C 54 20.43 -34.54 5.76
N ALA C 55 21.59 -35.11 6.08
CA ALA C 55 21.72 -36.02 7.23
C ALA C 55 21.49 -35.32 8.57
N LEU C 56 20.71 -35.96 9.42
CA LEU C 56 20.65 -35.59 10.83
C LEU C 56 21.81 -36.32 11.46
N LEU C 57 22.70 -35.60 12.15
CA LEU C 57 23.95 -36.19 12.63
C LEU C 57 24.02 -36.31 14.15
N GLU C 58 23.21 -35.52 14.84
CA GLU C 58 23.31 -35.48 16.28
C GLU C 58 22.06 -34.86 16.85
N ILE C 59 21.67 -35.31 18.04
CA ILE C 59 20.50 -34.72 18.65
C ILE C 59 20.58 -34.79 20.16
N ALA C 60 20.19 -33.70 20.81
CA ALA C 60 20.10 -33.68 22.27
C ALA C 60 18.73 -33.17 22.72
N ALA C 61 18.22 -33.73 23.82
CA ALA C 61 16.93 -33.33 24.36
C ALA C 61 17.06 -33.09 25.85
N ILE C 62 16.38 -32.07 26.34
CA ILE C 62 16.39 -31.74 27.76
C ILE C 62 14.97 -31.37 28.16
N THR C 63 14.39 -32.17 29.05
CA THR C 63 13.04 -31.88 29.55
C THR C 63 13.17 -30.89 30.72
N LEU C 64 12.06 -30.26 31.08
CA LEU C 64 12.09 -29.23 32.12
C LEU C 64 11.19 -29.62 33.27
N LYS C 65 11.46 -29.08 34.45
CA LYS C 65 10.58 -29.27 35.61
C LYS C 65 10.38 -27.94 36.36
N MET C 66 9.36 -27.88 37.20
CA MET C 66 9.17 -26.72 38.07
C MET C 66 9.32 -27.08 39.55
N ASP C 67 10.05 -26.28 40.31
CA ASP C 67 10.20 -26.54 41.74
C ASP C 67 8.97 -26.06 42.52
N GLU C 68 9.08 -26.09 43.84
CA GLU C 68 7.97 -25.77 44.73
C GLU C 68 7.53 -24.31 44.59
N GLN C 69 8.49 -23.43 44.33
CA GLN C 69 8.22 -22.01 44.18
C GLN C 69 7.67 -21.63 42.80
N GLY C 70 7.67 -22.59 41.88
CA GLY C 70 7.17 -22.35 40.54
C GLY C 70 8.26 -21.90 39.57
N TRP C 71 9.51 -22.13 39.94
CA TRP C 71 10.62 -21.86 39.03
C TRP C 71 10.86 -23.04 38.08
N LEU C 72 11.09 -22.72 36.80
CA LEU C 72 11.42 -23.70 35.76
C LEU C 72 12.93 -23.93 35.71
N MET C 73 13.32 -25.18 35.46
CA MET C 73 14.73 -25.55 35.36
C MET C 73 14.81 -26.86 34.61
N PRO C 74 16.01 -27.20 34.11
CA PRO C 74 16.20 -28.44 33.36
C PRO C 74 15.93 -29.69 34.20
N ASP C 75 15.50 -30.75 33.54
CA ASP C 75 15.21 -31.99 34.25
C ASP C 75 16.09 -33.11 33.72
N THR C 76 15.62 -33.81 32.69
CA THR C 76 16.38 -34.92 32.11
C THR C 76 17.12 -34.49 30.85
N THR C 77 18.34 -34.98 30.69
CA THR C 77 19.12 -34.74 29.47
C THR C 77 19.41 -36.05 28.76
N LEU C 78 19.13 -36.07 27.45
CA LEU C 78 19.46 -37.20 26.58
C LEU C 78 20.30 -36.69 25.43
N HIS C 79 21.08 -37.57 24.83
CA HIS C 79 21.97 -37.17 23.74
C HIS C 79 22.30 -38.36 22.87
N PHE C 80 22.29 -38.16 21.55
CA PHE C 80 22.57 -39.22 20.59
C PHE C 80 23.32 -38.72 19.37
N HIS C 81 24.39 -39.42 19.00
CA HIS C 81 24.96 -39.27 17.67
C HIS C 81 24.13 -40.12 16.73
N VAL C 82 23.91 -39.60 15.53
CA VAL C 82 22.93 -40.18 14.64
C VAL C 82 23.58 -40.55 13.32
N GLU C 83 23.23 -41.73 12.81
CA GLU C 83 23.80 -42.22 11.56
C GLU C 83 22.99 -41.65 10.39
N PRO C 84 23.67 -41.12 9.37
CA PRO C 84 22.97 -40.55 8.21
C PRO C 84 21.97 -41.53 7.60
N PHE C 85 20.76 -41.08 7.32
CA PHE C 85 19.79 -41.97 6.72
C PHE C 85 20.28 -42.38 5.34
N VAL C 86 19.78 -43.49 4.80
CA VAL C 86 20.34 -44.00 3.56
C VAL C 86 20.05 -43.04 2.40
N GLY C 87 21.08 -42.66 1.68
CA GLY C 87 20.93 -41.71 0.58
C GLY C 87 20.99 -40.25 1.00
N ALA C 88 21.23 -40.01 2.27
CA ALA C 88 21.33 -38.65 2.79
C ALA C 88 22.48 -37.90 2.12
N ASN C 89 22.26 -36.62 1.86
CA ASN C 89 23.30 -35.74 1.34
C ASN C 89 24.18 -35.24 2.49
N LEU C 90 25.47 -35.06 2.23
CA LEU C 90 26.37 -34.47 3.23
C LEU C 90 27.13 -33.25 2.70
N GLN C 91 26.69 -32.05 3.08
CA GLN C 91 27.39 -30.83 2.67
C GLN C 91 28.63 -30.60 3.52
N PRO C 92 29.80 -30.50 2.88
CA PRO C 92 31.10 -30.29 3.56
C PRO C 92 31.12 -28.99 4.36
N GLU C 93 30.44 -27.96 3.87
CA GLU C 93 30.34 -26.72 4.64
C GLU C 93 29.72 -27.00 6.00
N ALA C 94 28.62 -27.75 6.02
CA ALA C 94 27.96 -28.10 7.27
C ALA C 94 28.92 -28.91 8.16
N LEU C 95 29.56 -29.91 7.57
CA LEU C 95 30.55 -30.73 8.27
C LEU C 95 31.74 -29.93 8.80
N ALA C 96 32.17 -28.93 8.05
CA ALA C 96 33.23 -28.04 8.50
C ALA C 96 32.74 -27.20 9.67
N PHE C 97 31.48 -26.76 9.58
CA PHE C 97 30.90 -25.93 10.62
C PHE C 97 30.80 -26.66 11.96
N ASN C 98 30.25 -27.86 11.95
CA ASN C 98 29.99 -28.59 13.19
C ASN C 98 31.05 -29.65 13.59
N GLY C 99 32.09 -29.79 12.78
CA GLY C 99 33.22 -30.67 13.10
C GLY C 99 32.93 -32.17 13.12
N ILE C 100 31.78 -32.57 12.59
CA ILE C 100 31.35 -33.96 12.67
C ILE C 100 31.90 -34.82 11.52
N ASP C 101 32.48 -35.95 11.89
CA ASP C 101 32.93 -36.95 10.92
C ASP C 101 31.97 -38.14 10.95
N PRO C 102 31.05 -38.19 9.97
CA PRO C 102 30.01 -39.23 9.93
C PRO C 102 30.60 -40.61 9.73
N ASN C 103 31.89 -40.67 9.42
CA ASN C 103 32.53 -41.94 9.10
C ASN C 103 33.63 -42.36 10.07
N ASP C 104 33.79 -41.60 11.14
CA ASP C 104 34.62 -42.03 12.27
C ASP C 104 34.02 -43.32 12.81
N PRO C 105 34.80 -44.41 12.80
CA PRO C 105 34.36 -45.74 13.25
C PRO C 105 33.55 -45.67 14.53
N ASP C 106 33.98 -44.89 15.51
CA ASP C 106 33.18 -44.69 16.70
C ASP C 106 32.93 -43.22 17.05
N ARG C 107 31.79 -42.70 16.59
CA ARG C 107 31.21 -41.54 17.20
C ARG C 107 30.14 -42.11 18.10
N GLY C 108 29.83 -43.39 17.87
CA GLY C 108 28.83 -44.11 18.62
C GLY C 108 27.46 -43.82 18.07
N ALA C 109 27.40 -43.57 16.76
CA ALA C 109 26.15 -43.18 16.13
C ALA C 109 25.11 -44.30 16.15
N VAL C 110 23.84 -43.93 16.27
CA VAL C 110 22.74 -44.89 16.22
C VAL C 110 21.76 -44.44 15.15
N SER C 111 20.79 -45.30 14.82
CA SER C 111 19.84 -44.96 13.78
C SER C 111 18.90 -43.83 14.25
N GLU C 112 18.31 -43.13 13.29
CA GLU C 112 17.26 -42.17 13.57
C GLU C 112 16.15 -42.83 14.39
N TYR C 113 15.76 -44.05 14.00
CA TYR C 113 14.78 -44.77 14.81
C TYR C 113 15.20 -44.87 16.28
N GLU C 114 16.42 -45.32 16.54
CA GLU C 114 16.90 -45.53 17.92
C GLU C 114 16.80 -44.23 18.70
N ALA C 115 17.39 -43.17 18.16
CA ALA C 115 17.50 -41.91 18.87
C ALA C 115 16.13 -41.36 19.24
N LEU C 116 15.28 -41.17 18.24
CA LEU C 116 13.95 -40.58 18.46
C LEU C 116 13.04 -41.46 19.30
N HIS C 117 13.13 -42.77 19.10
CA HIS C 117 12.29 -43.69 19.87
C HIS C 117 12.63 -43.57 21.35
N GLU C 118 13.92 -43.54 21.67
CA GLU C 118 14.37 -43.34 23.04
C GLU C 118 13.97 -41.98 23.62
N ILE C 119 14.14 -40.90 22.84
CA ILE C 119 13.71 -39.58 23.28
C ILE C 119 12.19 -39.52 23.52
N PHE C 120 11.43 -40.02 22.55
CA PHE C 120 9.97 -40.03 22.65
C PHE C 120 9.47 -40.82 23.85
N LYS C 121 10.14 -41.93 24.14
CA LYS C 121 9.79 -42.74 25.32
C LYS C 121 9.92 -41.91 26.59
N VAL C 122 11.05 -41.23 26.75
CA VAL C 122 11.26 -40.39 27.93
C VAL C 122 10.28 -39.22 27.98
N VAL C 123 10.02 -38.61 26.83
CA VAL C 123 9.10 -37.47 26.78
C VAL C 123 7.69 -37.90 27.15
N ARG C 124 7.24 -39.02 26.59
CA ARG C 124 5.90 -39.53 26.88
C ARG C 124 5.75 -39.82 28.37
N LYS C 125 6.84 -40.25 28.98
CA LYS C 125 6.84 -40.53 30.41
C LYS C 125 6.75 -39.25 31.23
N GLY C 126 7.50 -38.22 30.82
CA GLY C 126 7.46 -36.94 31.50
C GLY C 126 6.12 -36.25 31.29
N ILE C 127 5.41 -36.65 30.25
CA ILE C 127 4.13 -36.01 29.93
C ILE C 127 3.03 -36.54 30.85
N LYS C 128 2.95 -37.86 30.96
CA LYS C 128 1.94 -38.47 31.80
C LYS C 128 2.24 -38.18 33.28
N ALA C 129 3.53 -38.16 33.61
CA ALA C 129 3.95 -37.86 34.97
C ALA C 129 3.51 -36.47 35.43
N SER C 130 3.86 -35.44 34.65
CA SER C 130 3.56 -34.06 35.04
C SER C 130 2.09 -33.68 34.81
N GLY C 131 1.34 -34.54 34.14
CA GLY C 131 -0.06 -34.27 33.85
C GLY C 131 -0.27 -33.43 32.61
N CYS C 132 0.79 -33.25 31.83
CA CYS C 132 0.66 -32.52 30.58
C CYS C 132 -0.02 -33.39 29.53
N ASN C 133 -0.36 -32.80 28.40
CA ASN C 133 -1.16 -33.47 27.39
C ASN C 133 -0.38 -33.80 26.10
N ARG C 134 0.69 -33.04 25.84
CA ARG C 134 1.44 -33.17 24.60
C ARG C 134 2.76 -32.43 24.77
N ALA C 135 3.76 -32.80 23.98
CA ALA C 135 5.04 -32.11 24.06
C ALA C 135 5.05 -30.92 23.11
N ILE C 136 5.88 -29.92 23.41
CA ILE C 136 6.17 -28.83 22.47
C ILE C 136 7.68 -28.58 22.42
N MET C 137 8.22 -28.52 21.22
CA MET C 137 9.65 -28.32 21.06
C MET C 137 10.09 -26.88 21.39
N VAL C 138 11.05 -26.77 22.28
CA VAL C 138 11.72 -25.52 22.54
C VAL C 138 13.08 -25.58 21.84
N ALA C 139 13.34 -24.64 20.93
CA ALA C 139 14.59 -24.66 20.17
C ALA C 139 14.91 -23.27 19.64
N HIS C 140 16.18 -23.04 19.29
CA HIS C 140 16.62 -21.72 18.82
C HIS C 140 16.54 -21.59 17.29
N ASN C 141 15.70 -20.68 16.82
CA ASN C 141 15.19 -20.71 15.44
C ASN C 141 14.55 -22.09 15.20
N ALA C 142 13.50 -22.33 15.97
CA ALA C 142 12.93 -23.68 16.18
C ALA C 142 12.46 -24.40 14.92
N ASN C 143 12.06 -23.66 13.91
CA ASN C 143 11.59 -24.31 12.68
C ASN C 143 12.63 -25.28 12.13
N PHE C 144 13.90 -24.92 12.25
CA PHE C 144 15.01 -25.77 11.84
C PHE C 144 15.01 -27.14 12.53
N ASP C 145 15.26 -27.15 13.83
CA ASP C 145 15.25 -28.39 14.60
C ASP C 145 13.94 -29.18 14.49
N HIS C 146 12.81 -28.48 14.46
CA HIS C 146 11.51 -29.13 14.30
C HIS C 146 11.41 -29.85 12.94
N SER C 147 11.82 -29.20 11.86
CA SER C 147 11.70 -29.80 10.53
C SER C 147 12.58 -31.06 10.38
N PHE C 148 13.78 -31.02 10.96
CA PHE C 148 14.67 -32.17 10.96
C PHE C 148 14.15 -33.31 11.83
N MET C 149 13.61 -32.97 12.99
CA MET C 149 13.07 -34.02 13.83
C MET C 149 11.85 -34.68 13.20
N MET C 150 10.99 -33.89 12.57
CA MET C 150 9.76 -34.41 11.98
C MET C 150 10.06 -35.23 10.71
N ALA C 151 11.10 -34.82 9.99
CA ALA C 151 11.54 -35.55 8.81
C ALA C 151 12.10 -36.89 9.25
N ALA C 152 12.96 -36.87 10.27
CA ALA C 152 13.57 -38.10 10.76
C ALA C 152 12.51 -39.08 11.24
N ALA C 153 11.52 -38.60 11.98
CA ALA C 153 10.49 -39.48 12.54
C ALA C 153 9.64 -40.08 11.44
N GLU C 154 9.43 -39.34 10.37
CA GLU C 154 8.64 -39.86 9.26
C GLU C 154 9.43 -40.94 8.51
N ARG C 155 10.72 -40.72 8.32
CA ARG C 155 11.58 -41.73 7.72
C ARG C 155 11.58 -43.00 8.58
N ALA C 156 11.70 -42.84 9.90
CA ALA C 156 11.77 -43.99 10.79
C ALA C 156 10.39 -44.59 11.02
N SER C 157 9.38 -44.02 10.36
CA SER C 157 8.02 -44.51 10.48
C SER C 157 7.60 -44.65 11.93
N LEU C 158 7.90 -43.64 12.75
CA LEU C 158 7.38 -43.59 14.11
C LEU C 158 5.98 -43.00 14.09
N LYS C 159 5.02 -43.78 14.57
CA LYS C 159 3.61 -43.37 14.54
C LYS C 159 3.24 -42.62 15.81
N ARG C 160 3.98 -42.83 16.88
CA ARG C 160 3.63 -42.22 18.15
C ARG C 160 4.61 -41.11 18.50
N ASN C 161 4.35 -39.92 17.95
CA ASN C 161 5.21 -38.77 18.18
C ASN C 161 4.53 -37.83 19.16
N PRO C 162 5.10 -37.69 20.36
CA PRO C 162 4.47 -36.87 21.41
C PRO C 162 4.56 -35.35 21.14
N PHE C 163 5.35 -34.96 20.14
CA PHE C 163 5.53 -33.54 19.86
C PHE C 163 4.41 -32.95 18.99
N HIS C 164 4.02 -31.72 19.29
CA HIS C 164 3.05 -31.02 18.45
C HIS C 164 3.60 -30.97 17.03
N PRO C 165 2.77 -31.29 16.04
CA PRO C 165 3.27 -31.41 14.66
C PRO C 165 3.54 -30.08 13.97
N PHE C 166 3.15 -28.96 14.56
CA PHE C 166 3.49 -27.66 13.96
C PHE C 166 3.85 -26.52 14.94
N ALA C 167 3.32 -26.54 16.15
CA ALA C 167 3.64 -25.50 17.14
C ALA C 167 5.02 -25.70 17.79
N THR C 168 5.79 -24.63 17.94
CA THR C 168 7.05 -24.68 18.69
C THR C 168 7.18 -23.49 19.63
N PHE C 169 8.14 -23.58 20.54
CA PHE C 169 8.58 -22.42 21.33
C PHE C 169 9.97 -21.97 20.87
N ASP C 170 10.02 -20.99 19.98
CA ASP C 170 11.27 -20.47 19.42
C ASP C 170 11.98 -19.51 20.39
N THR C 171 13.15 -19.91 20.90
CA THR C 171 13.92 -19.04 21.80
C THR C 171 14.53 -17.80 21.13
N ALA C 172 14.62 -17.81 19.81
CA ALA C 172 15.10 -16.61 19.12
C ALA C 172 14.05 -15.49 19.28
N ALA C 173 12.79 -15.82 19.02
CA ALA C 173 11.71 -14.87 19.20
C ALA C 173 11.53 -14.48 20.67
N LEU C 174 11.60 -15.47 21.56
CA LEU C 174 11.43 -15.21 22.99
C LEU C 174 12.54 -14.32 23.57
N ALA C 175 13.77 -14.54 23.11
CA ALA C 175 14.89 -13.69 23.50
C ALA C 175 14.75 -12.30 22.91
N GLY C 176 14.13 -12.20 21.74
CA GLY C 176 13.95 -10.91 21.11
C GLY C 176 13.06 -10.05 21.97
N LEU C 177 11.99 -10.66 22.47
CA LEU C 177 11.05 -9.97 23.33
C LEU C 177 11.70 -9.65 24.66
N ALA C 178 12.28 -10.67 25.27
CA ALA C 178 12.69 -10.55 26.66
C ALA C 178 13.99 -9.76 26.82
N LEU C 179 14.87 -9.86 25.82
CA LEU C 179 16.24 -9.39 25.96
C LEU C 179 16.72 -8.45 24.85
N GLY C 180 15.86 -8.21 23.85
CA GLY C 180 16.26 -7.41 22.70
C GLY C 180 17.34 -8.02 21.80
N GLN C 181 17.52 -9.34 21.87
CA GLN C 181 18.53 -10.06 21.08
C GLN C 181 17.98 -11.37 20.51
N THR C 182 18.41 -11.74 19.30
CA THR C 182 17.92 -12.96 18.68
C THR C 182 19.02 -14.01 18.44
N VAL C 183 20.28 -13.60 18.53
CA VAL C 183 21.40 -14.53 18.34
C VAL C 183 21.65 -15.28 19.65
N LEU C 184 21.88 -16.59 19.56
CA LEU C 184 22.01 -17.41 20.78
C LEU C 184 23.14 -16.95 21.70
N SER C 185 24.35 -16.85 21.16
CA SER C 185 25.49 -16.42 21.97
C SER C 185 25.16 -15.10 22.63
N LYS C 186 24.65 -14.15 21.84
CA LYS C 186 24.34 -12.83 22.35
C LYS C 186 23.19 -12.82 23.38
N ALA C 187 22.12 -13.55 23.11
CA ALA C 187 21.00 -13.59 24.06
C ALA C 187 21.45 -14.14 25.42
N CYS C 188 22.14 -15.26 25.41
CA CYS C 188 22.65 -15.84 26.66
C CYS C 188 23.49 -14.83 27.43
N GLN C 189 24.40 -14.14 26.72
CA GLN C 189 25.26 -13.14 27.35
C GLN C 189 24.43 -11.99 27.94
N THR C 190 23.45 -11.52 27.18
CA THR C 190 22.53 -10.50 27.66
C THR C 190 21.72 -10.92 28.91
N ALA C 191 21.40 -12.21 29.01
CA ALA C 191 20.64 -12.70 30.15
C ALA C 191 21.53 -12.85 31.38
N GLY C 192 22.82 -12.60 31.21
CA GLY C 192 23.78 -12.76 32.29
C GLY C 192 24.31 -14.17 32.43
N MET C 193 24.13 -14.98 31.39
CA MET C 193 24.60 -16.36 31.41
C MET C 193 26.03 -16.42 30.89
N ASP C 194 26.75 -17.44 31.33
CA ASP C 194 28.04 -17.74 30.72
C ASP C 194 27.77 -18.27 29.32
N PHE C 195 28.63 -17.90 28.37
CA PHE C 195 28.58 -18.53 27.06
C PHE C 195 29.99 -18.69 26.52
N ASP C 196 30.27 -19.88 25.98
CA ASP C 196 31.61 -20.21 25.51
C ASP C 196 31.59 -20.63 24.05
N SER C 197 31.97 -19.71 23.17
CA SER C 197 32.01 -19.97 21.73
C SER C 197 32.83 -21.22 21.38
N THR C 198 33.71 -21.63 22.29
CA THR C 198 34.57 -22.79 22.07
C THR C 198 33.78 -24.09 22.10
N GLN C 199 32.72 -24.13 22.90
CA GLN C 199 31.89 -25.34 23.05
C GLN C 199 30.61 -25.27 22.21
N ALA C 200 30.33 -24.08 21.68
CA ALA C 200 29.18 -23.87 20.81
C ALA C 200 29.16 -24.79 19.60
N HIS C 201 27.97 -24.99 19.03
CA HIS C 201 27.81 -25.78 17.82
C HIS C 201 28.04 -27.27 18.08
N SER C 202 27.98 -27.63 19.35
CA SER C 202 27.86 -29.02 19.79
C SER C 202 26.47 -29.18 20.37
N ALA C 203 25.79 -30.28 20.02
CA ALA C 203 24.39 -30.50 20.40
C ALA C 203 24.19 -30.40 21.89
N LEU C 204 24.98 -31.16 22.64
CA LEU C 204 24.83 -31.22 24.08
C LEU C 204 24.96 -29.82 24.68
N TYR C 205 26.05 -29.13 24.35
CA TYR C 205 26.29 -27.80 24.89
C TYR C 205 25.21 -26.79 24.49
N ASP C 206 24.85 -26.78 23.21
CA ASP C 206 23.86 -25.82 22.74
C ASP C 206 22.49 -26.07 23.38
N THR C 207 22.09 -27.33 23.49
CA THR C 207 20.79 -27.64 24.11
C THR C 207 20.77 -27.11 25.54
N GLU C 208 21.85 -27.34 26.28
CA GLU C 208 21.90 -26.92 27.67
C GLU C 208 21.85 -25.41 27.83
N ARG C 209 22.60 -24.68 27.02
CA ARG C 209 22.52 -23.22 27.08
C ARG C 209 21.12 -22.72 26.68
N THR C 210 20.52 -23.39 25.71
CA THR C 210 19.21 -23.02 25.20
C THR C 210 18.15 -23.30 26.26
N ALA C 211 18.29 -24.42 26.97
CA ALA C 211 17.38 -24.77 28.07
C ALA C 211 17.43 -23.71 29.18
N VAL C 212 18.65 -23.31 29.55
CA VAL C 212 18.85 -22.32 30.60
C VAL C 212 18.32 -20.94 30.19
N LEU C 213 18.55 -20.56 28.94
CA LEU C 213 17.99 -19.31 28.41
C LEU C 213 16.47 -19.30 28.51
N PHE C 214 15.84 -20.38 28.05
CA PHE C 214 14.39 -20.49 28.08
C PHE C 214 13.85 -20.38 29.50
N CYS C 215 14.45 -21.13 30.42
CA CYS C 215 14.06 -21.10 31.82
C CYS C 215 14.22 -19.70 32.43
N GLU C 216 15.32 -19.02 32.08
CA GLU C 216 15.57 -17.66 32.55
C GLU C 216 14.50 -16.69 32.04
N ILE C 217 14.14 -16.80 30.77
CA ILE C 217 13.08 -15.95 30.22
C ILE C 217 11.72 -16.23 30.90
N VAL C 218 11.38 -17.50 31.08
CA VAL C 218 10.14 -17.83 31.76
C VAL C 218 10.18 -17.34 33.22
N ASN C 219 11.25 -17.67 33.94
CA ASN C 219 11.37 -17.26 35.34
C ASN C 219 11.41 -15.73 35.52
N ARG C 220 12.02 -15.03 34.56
CA ARG C 220 12.01 -13.57 34.59
C ARG C 220 10.59 -13.00 34.47
N TRP C 221 9.81 -13.52 33.53
CA TRP C 221 8.44 -13.07 33.39
C TRP C 221 7.72 -13.21 34.73
N LYS C 222 7.97 -14.33 35.40
CA LYS C 222 7.34 -14.59 36.68
C LYS C 222 7.80 -13.58 37.73
N ARG C 223 9.12 -13.43 37.88
CA ARG C 223 9.70 -12.48 38.84
C ARG C 223 9.05 -11.09 38.80
N LEU C 224 8.79 -10.61 37.58
CA LEU C 224 8.22 -9.27 37.40
C LEU C 224 6.73 -9.23 37.65
N GLY C 225 6.13 -10.40 37.88
CA GLY C 225 4.71 -10.49 38.15
C GLY C 225 3.86 -10.58 36.89
N GLY C 226 4.47 -11.04 35.80
CA GLY C 226 3.75 -11.23 34.56
C GLY C 226 2.94 -12.50 34.61
N TRP C 227 3.37 -13.42 35.47
CA TRP C 227 2.70 -14.70 35.63
C TRP C 227 2.64 -15.06 37.11
N PRO C 228 1.52 -15.65 37.57
CA PRO C 228 0.23 -15.84 36.86
C PRO C 228 -0.41 -14.51 36.51
N LEU C 229 -1.50 -14.55 35.75
CA LEU C 229 -2.15 -13.32 35.31
C LEU C 229 -2.79 -12.55 36.47
N SER C 230 -3.17 -13.27 37.53
CA SER C 230 -3.77 -12.67 38.71
C SER C 230 -2.74 -12.04 39.64
N ALA C 231 -1.46 -12.31 39.36
CA ALA C 231 -0.38 -11.77 40.20
C ALA C 231 -0.37 -10.24 40.25
N ALA C 232 -0.43 -9.63 39.07
CA ALA C 232 -0.34 -8.17 38.96
C ALA C 232 -1.36 -7.46 39.84
N GLY D 29 13.61 4.61 18.07
CA GLY D 29 13.13 3.79 19.16
C GLY D 29 12.86 2.37 18.72
N LEU D 30 12.14 2.21 17.60
CA LEU D 30 11.83 0.89 17.08
C LEU D 30 13.12 0.17 16.70
N CYS D 31 14.09 0.95 16.25
CA CYS D 31 15.36 0.43 15.74
C CYS D 31 16.24 -0.17 16.84
N ASP D 32 16.01 0.25 18.07
CA ASP D 32 16.80 -0.25 19.20
C ASP D 32 16.10 -1.39 19.92
N ARG D 33 14.84 -1.64 19.58
CA ARG D 33 14.05 -2.62 20.32
C ARG D 33 14.41 -4.08 19.99
N PHE D 34 14.60 -4.38 18.72
CA PHE D 34 14.90 -5.74 18.30
C PHE D 34 16.19 -5.85 17.48
N ARG D 35 17.29 -5.31 18.02
CA ARG D 35 18.61 -5.28 17.37
C ARG D 35 18.61 -4.93 15.88
N GLY D 36 17.82 -3.93 15.50
CA GLY D 36 17.82 -3.44 14.14
C GLY D 36 16.84 -4.16 13.22
N PHE D 37 16.11 -5.14 13.76
CA PHE D 37 15.05 -5.80 12.99
C PHE D 37 13.77 -4.98 13.01
N TYR D 38 13.19 -4.83 11.82
CA TYR D 38 11.94 -4.12 11.60
C TYR D 38 10.81 -5.17 11.54
N PRO D 39 10.03 -5.28 12.60
CA PRO D 39 9.06 -6.38 12.66
C PRO D 39 7.83 -6.07 11.81
N VAL D 40 7.46 -6.99 10.92
CA VAL D 40 6.27 -6.80 10.09
C VAL D 40 5.34 -8.00 10.23
N VAL D 41 4.09 -7.72 10.59
CA VAL D 41 3.11 -8.77 10.82
C VAL D 41 2.53 -9.23 9.50
N ILE D 42 2.47 -10.55 9.34
CA ILE D 42 2.03 -11.15 8.09
C ILE D 42 1.07 -12.28 8.36
N ASP D 43 0.01 -12.35 7.56
CA ASP D 43 -0.85 -13.52 7.56
C ASP D 43 -1.17 -13.89 6.11
N VAL D 44 -1.13 -15.18 5.80
CA VAL D 44 -1.52 -15.66 4.47
C VAL D 44 -2.69 -16.64 4.54
N GLU D 45 -3.46 -16.67 3.47
CA GLU D 45 -4.44 -17.72 3.27
C GLU D 45 -3.95 -18.54 2.09
N THR D 46 -4.17 -19.85 2.15
CA THR D 46 -3.58 -20.76 1.20
C THR D 46 -4.58 -21.81 0.76
N ALA D 47 -4.19 -22.61 -0.22
CA ALA D 47 -5.02 -23.70 -0.70
C ALA D 47 -4.48 -25.03 -0.21
N GLY D 48 -3.75 -25.00 0.90
CA GLY D 48 -3.19 -26.20 1.49
C GLY D 48 -2.08 -25.89 2.46
N PHE D 49 -1.48 -26.95 3.00
CA PHE D 49 -0.45 -26.79 4.03
C PHE D 49 0.97 -26.78 3.48
N ASN D 50 1.13 -27.14 2.22
CA ASN D 50 2.46 -27.27 1.62
C ASN D 50 2.87 -26.04 0.80
N ALA D 51 3.87 -25.32 1.29
CA ALA D 51 4.35 -24.08 0.68
C ALA D 51 4.86 -24.26 -0.74
N LYS D 52 5.53 -25.38 -1.01
CA LYS D 52 6.14 -25.65 -2.32
C LYS D 52 5.12 -26.02 -3.39
N THR D 53 4.00 -26.62 -2.99
CA THR D 53 3.06 -27.18 -3.96
C THR D 53 1.69 -26.53 -3.97
N ASP D 54 1.30 -25.91 -2.86
CA ASP D 54 -0.06 -25.37 -2.75
C ASP D 54 -0.11 -23.86 -3.00
N ALA D 55 -1.21 -23.41 -3.58
CA ALA D 55 -1.36 -22.00 -3.95
C ALA D 55 -1.40 -21.07 -2.74
N LEU D 56 -0.72 -19.93 -2.86
CA LEU D 56 -0.90 -18.82 -1.94
C LEU D 56 -2.11 -18.04 -2.47
N LEU D 57 -3.15 -17.86 -1.64
CA LEU D 57 -4.39 -17.22 -2.10
C LEU D 57 -4.57 -15.77 -1.64
N GLU D 58 -3.91 -15.39 -0.56
CA GLU D 58 -4.16 -14.07 0.02
C GLU D 58 -3.05 -13.71 0.98
N ILE D 59 -2.74 -12.42 1.04
CA ILE D 59 -1.69 -11.97 1.95
C ILE D 59 -1.96 -10.57 2.47
N ALA D 60 -1.82 -10.40 3.78
CA ALA D 60 -1.93 -9.09 4.41
C ALA D 60 -0.70 -8.79 5.26
N ALA D 61 -0.23 -7.55 5.21
CA ALA D 61 0.95 -7.14 5.95
C ALA D 61 0.63 -5.91 6.80
N ILE D 62 1.16 -5.89 8.02
CA ILE D 62 1.04 -4.71 8.87
C ILE D 62 2.38 -4.37 9.49
N THR D 63 2.90 -3.21 9.14
CA THR D 63 4.12 -2.71 9.77
C THR D 63 3.77 -2.06 11.10
N LEU D 64 4.75 -1.90 11.97
CA LEU D 64 4.49 -1.37 13.30
C LEU D 64 5.32 -0.11 13.54
N LYS D 65 4.86 0.71 14.48
CA LYS D 65 5.60 1.90 14.87
C LYS D 65 5.62 2.07 16.37
N MET D 66 6.53 2.92 16.83
CA MET D 66 6.75 3.22 18.24
C MET D 66 6.35 4.66 18.52
N ASP D 67 5.40 4.89 19.41
CA ASP D 67 5.03 6.26 19.77
C ASP D 67 6.11 6.88 20.66
N GLU D 68 5.83 8.07 21.18
CA GLU D 68 6.85 8.81 21.94
C GLU D 68 7.20 8.16 23.27
N GLN D 69 6.21 7.55 23.92
CA GLN D 69 6.43 6.90 25.22
C GLN D 69 7.13 5.55 25.09
N GLY D 70 7.23 5.04 23.86
CA GLY D 70 7.86 3.76 23.62
C GLY D 70 6.86 2.64 23.49
N TRP D 71 5.59 2.99 23.31
CA TRP D 71 4.56 1.98 23.06
C TRP D 71 4.51 1.58 21.57
N LEU D 72 4.36 0.28 21.34
CA LEU D 72 4.29 -0.30 20.00
C LEU D 72 2.83 -0.36 19.53
N MET D 73 2.60 -0.04 18.26
CA MET D 73 1.26 -0.06 17.69
C MET D 73 1.35 -0.30 16.19
N PRO D 74 0.23 -0.69 15.57
CA PRO D 74 0.19 -0.88 14.12
C PRO D 74 0.41 0.44 13.36
N ASP D 75 1.06 0.32 12.21
CA ASP D 75 1.37 1.48 11.37
C ASP D 75 0.62 1.38 10.03
N THR D 76 1.25 0.75 9.04
CA THR D 76 0.65 0.62 7.70
C THR D 76 0.02 -0.75 7.52
N THR D 77 -1.07 -0.81 6.77
CA THR D 77 -1.71 -2.07 6.38
C THR D 77 -1.78 -2.19 4.86
N LEU D 78 -1.30 -3.33 4.35
CA LEU D 78 -1.40 -3.68 2.93
C LEU D 78 -2.18 -4.98 2.84
N HIS D 79 -2.86 -5.20 1.73
CA HIS D 79 -3.61 -6.44 1.57
C HIS D 79 -3.76 -6.79 0.09
N PHE D 80 -3.54 -8.06 -0.24
CA PHE D 80 -3.68 -8.54 -1.61
C PHE D 80 -4.35 -9.90 -1.70
N HIS D 81 -5.29 -10.03 -2.62
CA HIS D 81 -5.71 -11.36 -3.09
C HIS D 81 -4.70 -11.82 -4.14
N VAL D 82 -4.38 -13.10 -4.10
CA VAL D 82 -3.26 -13.61 -4.87
C VAL D 82 -3.76 -14.71 -5.78
N GLU D 83 -3.25 -14.70 -7.02
CA GLU D 83 -3.60 -15.72 -8.01
C GLU D 83 -2.68 -16.92 -7.82
N PRO D 84 -3.25 -18.13 -7.86
CA PRO D 84 -2.46 -19.36 -7.79
C PRO D 84 -1.36 -19.38 -8.85
N PHE D 85 -0.16 -19.76 -8.45
CA PHE D 85 0.94 -19.84 -9.39
C PHE D 85 0.71 -20.97 -10.41
N VAL D 86 1.51 -20.95 -11.47
CA VAL D 86 1.36 -21.92 -12.55
C VAL D 86 1.51 -23.33 -11.98
N GLY D 87 0.47 -24.15 -12.12
CA GLY D 87 0.55 -25.54 -11.68
C GLY D 87 0.27 -25.81 -10.21
N ALA D 88 -0.03 -24.76 -9.46
CA ALA D 88 -0.31 -24.88 -8.03
C ALA D 88 -1.43 -25.89 -7.73
N ASN D 89 -1.29 -26.58 -6.61
CA ASN D 89 -2.34 -27.49 -6.11
C ASN D 89 -3.39 -26.73 -5.30
N LEU D 90 -4.65 -27.14 -5.41
CA LEU D 90 -5.74 -26.58 -4.61
C LEU D 90 -6.45 -27.68 -3.81
N GLN D 91 -6.26 -27.71 -2.50
CA GLN D 91 -6.97 -28.67 -1.66
C GLN D 91 -8.36 -28.16 -1.31
N PRO D 92 -9.40 -28.94 -1.63
CA PRO D 92 -10.78 -28.56 -1.29
C PRO D 92 -10.96 -28.28 0.20
N GLU D 93 -10.24 -29.02 1.05
CA GLU D 93 -10.33 -28.81 2.49
C GLU D 93 -9.87 -27.39 2.86
N ALA D 94 -8.77 -26.95 2.25
CA ALA D 94 -8.27 -25.61 2.51
C ALA D 94 -9.25 -24.53 2.03
N LEU D 95 -9.77 -24.69 0.82
CA LEU D 95 -10.74 -23.74 0.28
C LEU D 95 -12.01 -23.74 1.11
N ALA D 96 -12.46 -24.93 1.50
CA ALA D 96 -13.62 -25.05 2.39
C ALA D 96 -13.36 -24.30 3.68
N PHE D 97 -12.13 -24.35 4.16
CA PHE D 97 -11.77 -23.75 5.43
C PHE D 97 -11.72 -22.22 5.40
N ASN D 98 -11.10 -21.66 4.37
CA ASN D 98 -10.93 -20.21 4.30
C ASN D 98 -11.98 -19.51 3.43
N GLY D 99 -12.75 -20.30 2.70
CA GLY D 99 -13.91 -19.80 1.96
C GLY D 99 -13.58 -19.08 0.67
N ILE D 100 -12.35 -19.24 0.22
CA ILE D 100 -11.89 -18.53 -0.98
C ILE D 100 -12.22 -19.33 -2.23
N ASP D 101 -12.72 -18.62 -3.24
CA ASP D 101 -12.98 -19.21 -4.55
C ASP D 101 -12.02 -18.61 -5.58
N PRO D 102 -10.95 -19.35 -5.93
CA PRO D 102 -9.94 -18.88 -6.87
C PRO D 102 -10.49 -18.67 -8.28
N ASN D 103 -11.76 -19.03 -8.49
CA ASN D 103 -12.40 -18.92 -9.80
C ASN D 103 -13.17 -17.61 -9.98
N ASP D 104 -13.63 -17.07 -8.86
CA ASP D 104 -14.31 -15.78 -8.86
C ASP D 104 -13.43 -14.76 -9.59
N PRO D 105 -13.90 -14.26 -10.74
CA PRO D 105 -13.17 -13.28 -11.57
C PRO D 105 -13.22 -11.88 -10.97
N ASP D 106 -14.18 -11.65 -10.10
CA ASP D 106 -14.35 -10.37 -9.41
C ASP D 106 -13.43 -10.27 -8.19
N ARG D 107 -12.68 -11.34 -7.93
CA ARG D 107 -11.85 -11.42 -6.73
C ARG D 107 -10.76 -10.34 -6.63
N GLY D 108 -10.26 -9.89 -7.77
CA GLY D 108 -9.24 -8.85 -7.79
C GLY D 108 -7.88 -9.38 -7.39
N ALA D 109 -7.64 -10.65 -7.70
CA ALA D 109 -6.36 -11.28 -7.40
C ALA D 109 -5.26 -10.72 -8.29
N VAL D 110 -4.05 -10.63 -7.74
CA VAL D 110 -2.88 -10.23 -8.51
C VAL D 110 -1.83 -11.31 -8.40
N SER D 111 -0.77 -11.22 -9.20
CA SER D 111 0.25 -12.25 -9.19
C SER D 111 1.05 -12.18 -7.89
N GLU D 112 1.73 -13.29 -7.56
CA GLU D 112 2.64 -13.32 -6.44
C GLU D 112 3.71 -12.25 -6.59
N TYR D 113 4.20 -12.07 -7.81
CA TYR D 113 5.16 -11.00 -8.04
C TYR D 113 4.60 -9.66 -7.56
N GLU D 114 3.36 -9.37 -7.92
CA GLU D 114 2.79 -8.05 -7.63
C GLU D 114 2.57 -7.82 -6.15
N ALA D 115 1.96 -8.79 -5.48
CA ALA D 115 1.68 -8.68 -4.06
C ALA D 115 2.96 -8.49 -3.28
N LEU D 116 3.94 -9.38 -3.48
CA LEU D 116 5.18 -9.33 -2.68
C LEU D 116 6.09 -8.16 -3.05
N HIS D 117 6.11 -7.80 -4.33
CA HIS D 117 6.90 -6.64 -4.74
C HIS D 117 6.37 -5.37 -4.04
N GLU D 118 5.05 -5.17 -4.07
CA GLU D 118 4.42 -4.06 -3.37
C GLU D 118 4.68 -4.08 -1.86
N ILE D 119 4.55 -5.25 -1.23
CA ILE D 119 4.84 -5.35 0.19
C ILE D 119 6.31 -5.04 0.51
N PHE D 120 7.22 -5.63 -0.26
CA PHE D 120 8.67 -5.45 -0.05
C PHE D 120 9.06 -4.00 -0.25
N LYS D 121 8.40 -3.32 -1.19
CA LYS D 121 8.66 -1.90 -1.38
C LYS D 121 8.27 -1.09 -0.16
N VAL D 122 7.05 -1.30 0.33
CA VAL D 122 6.61 -0.59 1.54
C VAL D 122 7.51 -0.91 2.74
N VAL D 123 7.94 -2.17 2.85
CA VAL D 123 8.76 -2.61 3.97
C VAL D 123 10.15 -1.97 3.98
N ARG D 124 10.80 -1.91 2.82
CA ARG D 124 12.07 -1.18 2.71
C ARG D 124 11.91 0.28 3.08
N LYS D 125 10.85 0.90 2.59
CA LYS D 125 10.55 2.28 2.91
C LYS D 125 10.50 2.43 4.44
N GLY D 126 9.76 1.54 5.09
CA GLY D 126 9.60 1.58 6.53
C GLY D 126 10.91 1.34 7.26
N ILE D 127 11.75 0.50 6.68
CA ILE D 127 13.01 0.12 7.32
C ILE D 127 13.99 1.29 7.35
N LYS D 128 14.02 2.07 6.28
CA LYS D 128 14.91 3.22 6.21
C LYS D 128 14.40 4.31 7.13
N ALA D 129 13.09 4.55 7.10
CA ALA D 129 12.48 5.56 7.96
C ALA D 129 12.75 5.30 9.45
N SER D 130 12.98 4.03 9.83
CA SER D 130 13.15 3.65 11.23
C SER D 130 14.60 3.57 11.68
N GLY D 131 15.52 3.47 10.73
CA GLY D 131 16.91 3.21 11.04
C GLY D 131 17.16 1.74 11.34
N CYS D 132 16.25 0.87 10.91
CA CYS D 132 16.47 -0.56 11.00
C CYS D 132 17.30 -0.99 9.81
N ASN D 133 17.84 -2.21 9.83
CA ASN D 133 18.61 -2.68 8.69
C ASN D 133 18.02 -3.92 7.99
N ARG D 134 16.90 -4.40 8.49
CA ARG D 134 16.25 -5.55 7.88
C ARG D 134 14.96 -5.96 8.59
N ALA D 135 14.06 -6.63 7.88
CA ALA D 135 12.74 -6.93 8.42
C ALA D 135 12.68 -8.34 9.02
N ILE D 136 11.85 -8.51 10.04
CA ILE D 136 11.54 -9.85 10.56
C ILE D 136 10.02 -10.08 10.57
N MET D 137 9.60 -11.23 10.07
CA MET D 137 8.18 -11.56 10.05
C MET D 137 7.61 -11.90 11.41
N VAL D 138 6.52 -11.21 11.76
CA VAL D 138 5.74 -11.55 12.94
C VAL D 138 4.51 -12.30 12.47
N ALA D 139 4.29 -13.51 12.97
CA ALA D 139 3.13 -14.28 12.53
C ALA D 139 2.76 -15.37 13.52
N HIS D 140 1.50 -15.83 13.46
CA HIS D 140 1.02 -16.87 14.39
C HIS D 140 1.25 -18.30 13.91
N ASN D 141 2.11 -19.03 14.62
CA ASN D 141 2.75 -20.24 14.10
C ASN D 141 3.52 -19.85 12.83
N ALA D 142 4.48 -18.94 13.03
CA ALA D 142 5.10 -18.16 11.96
C ALA D 142 5.79 -18.96 10.85
N ASN D 143 6.27 -20.16 11.15
CA ASN D 143 6.92 -20.97 10.12
C ASN D 143 6.03 -21.13 8.91
N PHE D 144 4.72 -21.25 9.15
CA PHE D 144 3.74 -21.41 8.08
C PHE D 144 3.80 -20.24 7.10
N ASP D 145 3.46 -19.04 7.58
CA ASP D 145 3.47 -17.83 6.75
C ASP D 145 4.83 -17.51 6.15
N HIS D 146 5.88 -17.75 6.91
CA HIS D 146 7.24 -17.54 6.44
C HIS D 146 7.53 -18.46 5.26
N SER D 147 7.19 -19.74 5.38
CA SER D 147 7.49 -20.72 4.33
C SER D 147 6.76 -20.40 3.01
N PHE D 148 5.50 -19.99 3.12
CA PHE D 148 4.73 -19.59 1.96
C PHE D 148 5.27 -18.30 1.31
N MET D 149 5.58 -17.31 2.12
CA MET D 149 6.11 -16.07 1.55
C MET D 149 7.46 -16.29 0.87
N MET D 150 8.37 -17.03 1.52
CA MET D 150 9.66 -17.32 0.91
C MET D 150 9.51 -18.17 -0.38
N ALA D 151 8.54 -19.08 -0.38
CA ALA D 151 8.27 -19.92 -1.56
C ALA D 151 7.72 -19.09 -2.72
N ALA D 152 6.83 -18.14 -2.41
CA ALA D 152 6.31 -17.23 -3.43
C ALA D 152 7.42 -16.32 -3.96
N ALA D 153 8.17 -15.71 -3.06
CA ALA D 153 9.24 -14.80 -3.48
C ALA D 153 10.25 -15.49 -4.39
N GLU D 154 10.51 -16.77 -4.13
CA GLU D 154 11.44 -17.53 -4.95
C GLU D 154 10.83 -17.86 -6.32
N ARG D 155 9.53 -18.17 -6.34
CA ARG D 155 8.85 -18.40 -7.61
C ARG D 155 8.81 -17.12 -8.44
N ALA D 156 8.71 -15.97 -7.77
CA ALA D 156 8.60 -14.71 -8.50
C ALA D 156 9.98 -14.13 -8.81
N SER D 157 11.02 -14.89 -8.46
CA SER D 157 12.41 -14.48 -8.67
C SER D 157 12.74 -13.10 -8.13
N LEU D 158 12.07 -12.72 -7.05
CA LEU D 158 12.40 -11.48 -6.35
C LEU D 158 13.72 -11.65 -5.63
N LYS D 159 14.70 -10.83 -6.02
CA LYS D 159 16.04 -10.97 -5.49
C LYS D 159 16.24 -10.13 -4.23
N ARG D 160 15.47 -9.06 -4.11
CA ARG D 160 15.64 -8.18 -2.96
C ARG D 160 14.52 -8.40 -1.94
N ASN D 161 14.76 -9.34 -1.02
CA ASN D 161 13.77 -9.68 -0.02
C ASN D 161 14.23 -9.10 1.31
N PRO D 162 13.51 -8.08 1.81
CA PRO D 162 14.00 -7.41 3.02
C PRO D 162 13.80 -8.27 4.27
N PHE D 163 13.06 -9.37 4.15
CA PHE D 163 12.78 -10.23 5.31
C PHE D 163 13.94 -11.16 5.63
N HIS D 164 14.18 -11.36 6.92
CA HIS D 164 15.22 -12.28 7.34
C HIS D 164 14.86 -13.66 6.82
N PRO D 165 15.84 -14.37 6.23
CA PRO D 165 15.54 -15.62 5.54
C PRO D 165 15.24 -16.82 6.45
N PHE D 166 15.41 -16.72 7.76
CA PHE D 166 15.03 -17.85 8.62
C PHE D 166 14.51 -17.48 10.02
N ALA D 167 14.85 -16.29 10.51
CA ALA D 167 14.36 -15.86 11.80
C ALA D 167 12.94 -15.29 11.69
N THR D 168 12.09 -15.60 12.67
CA THR D 168 10.77 -14.99 12.78
C THR D 168 10.43 -14.67 14.23
N PHE D 169 9.37 -13.87 14.40
CA PHE D 169 8.76 -13.67 15.72
C PHE D 169 7.40 -14.39 15.75
N ASP D 170 7.39 -15.60 16.28
CA ASP D 170 6.17 -16.40 16.35
C ASP D 170 5.28 -15.98 17.54
N THR D 171 4.05 -15.55 17.26
CA THR D 171 3.16 -15.07 18.32
C THR D 171 2.52 -16.20 19.13
N ALA D 172 2.57 -17.42 18.59
CA ALA D 172 2.19 -18.58 19.37
C ALA D 172 3.16 -18.78 20.54
N ALA D 173 4.46 -18.78 20.26
CA ALA D 173 5.47 -18.90 21.31
C ALA D 173 5.38 -17.75 22.31
N LEU D 174 5.24 -16.54 21.78
CA LEU D 174 5.22 -15.33 22.60
C LEU D 174 3.97 -15.27 23.49
N ALA D 175 2.83 -15.70 22.96
CA ALA D 175 1.62 -15.76 23.79
C ALA D 175 1.73 -16.88 24.82
N GLY D 176 2.41 -17.96 24.45
CA GLY D 176 2.60 -19.04 25.41
C GLY D 176 3.28 -18.51 26.65
N LEU D 177 4.31 -17.70 26.44
CA LEU D 177 5.10 -17.12 27.52
C LEU D 177 4.33 -16.05 28.28
N ALA D 178 3.80 -15.09 27.54
CA ALA D 178 3.15 -13.94 28.15
C ALA D 178 1.78 -14.27 28.74
N LEU D 179 1.07 -15.21 28.13
CA LEU D 179 -0.35 -15.41 28.45
C LEU D 179 -0.71 -16.85 28.79
N GLY D 180 0.24 -17.77 28.65
CA GLY D 180 -0.04 -19.17 28.87
C GLY D 180 -0.99 -19.81 27.86
N GLN D 181 -1.10 -19.20 26.68
CA GLN D 181 -2.00 -19.67 25.62
C GLN D 181 -1.28 -19.67 24.26
N THR D 182 -1.57 -20.68 23.41
CA THR D 182 -0.96 -20.75 22.09
C THR D 182 -1.94 -20.59 20.92
N VAL D 183 -3.23 -20.76 21.19
CA VAL D 183 -4.24 -20.60 20.14
C VAL D 183 -4.56 -19.11 19.93
N LEU D 184 -4.59 -18.66 18.68
CA LEU D 184 -4.77 -17.22 18.41
C LEU D 184 -6.02 -16.63 19.05
N SER D 185 -7.18 -17.24 18.80
CA SER D 185 -8.43 -16.76 19.38
C SER D 185 -8.32 -16.69 20.90
N LYS D 186 -7.82 -17.75 21.52
CA LYS D 186 -7.69 -17.80 22.97
C LYS D 186 -6.64 -16.84 23.54
N ALA D 187 -5.50 -16.74 22.86
CA ALA D 187 -4.46 -15.78 23.28
C ALA D 187 -5.04 -14.36 23.32
N CYS D 188 -5.71 -13.96 22.25
CA CYS D 188 -6.29 -12.62 22.18
C CYS D 188 -7.30 -12.37 23.31
N GLN D 189 -8.17 -13.34 23.56
CA GLN D 189 -9.16 -13.21 24.64
C GLN D 189 -8.47 -13.04 25.98
N THR D 190 -7.51 -13.91 26.27
CA THR D 190 -6.74 -13.84 27.50
C THR D 190 -6.01 -12.51 27.64
N ALA D 191 -5.68 -11.88 26.51
CA ALA D 191 -4.97 -10.62 26.54
C ALA D 191 -5.95 -9.47 26.81
N GLY D 192 -7.24 -9.80 26.86
CA GLY D 192 -8.27 -8.80 27.04
C GLY D 192 -8.75 -8.15 25.75
N MET D 193 -8.43 -8.78 24.63
CA MET D 193 -8.78 -8.23 23.31
C MET D 193 -10.11 -8.78 22.86
N ASP D 194 -10.78 -8.01 22.00
CA ASP D 194 -11.93 -8.54 21.32
C ASP D 194 -11.45 -9.55 20.28
N PHE D 195 -12.18 -10.65 20.14
CA PHE D 195 -11.92 -11.58 19.05
C PHE D 195 -13.25 -12.11 18.53
N ASP D 196 -13.45 -12.00 17.21
CA ASP D 196 -14.70 -12.39 16.57
C ASP D 196 -14.45 -13.50 15.56
N SER D 197 -14.70 -14.73 16.00
CA SER D 197 -14.50 -15.94 15.18
C SER D 197 -15.20 -15.90 13.82
N THR D 198 -16.22 -15.07 13.70
CA THR D 198 -16.95 -14.92 12.44
C THR D 198 -16.12 -14.14 11.42
N GLN D 199 -15.18 -13.34 11.91
CA GLN D 199 -14.28 -12.61 11.03
C GLN D 199 -12.92 -13.31 10.93
N ALA D 200 -12.73 -14.34 11.75
CA ALA D 200 -11.50 -15.12 11.76
C ALA D 200 -11.29 -15.89 10.46
N HIS D 201 -10.04 -16.21 10.16
CA HIS D 201 -9.66 -17.01 8.99
C HIS D 201 -9.79 -16.22 7.69
N SER D 202 -9.64 -14.90 7.83
CA SER D 202 -9.52 -13.98 6.71
C SER D 202 -8.24 -13.17 6.94
N ALA D 203 -7.44 -13.00 5.90
CA ALA D 203 -6.11 -12.38 6.03
C ALA D 203 -6.13 -11.07 6.80
N LEU D 204 -6.97 -10.14 6.38
CA LEU D 204 -7.00 -8.82 6.98
C LEU D 204 -7.30 -8.86 8.48
N TYR D 205 -8.39 -9.51 8.84
CA TYR D 205 -8.79 -9.55 10.24
C TYR D 205 -7.76 -10.29 11.10
N ASP D 206 -7.24 -11.40 10.61
CA ASP D 206 -6.27 -12.15 11.38
C ASP D 206 -4.96 -11.37 11.52
N THR D 207 -4.51 -10.71 10.46
CA THR D 207 -3.25 -9.96 10.55
C THR D 207 -3.42 -8.86 11.60
N GLU D 208 -4.58 -8.22 11.61
CA GLU D 208 -4.85 -7.11 12.51
C GLU D 208 -4.85 -7.57 13.97
N ARG D 209 -5.61 -8.62 14.28
CA ARG D 209 -5.61 -9.15 15.64
C ARG D 209 -4.21 -9.63 16.08
N THR D 210 -3.50 -10.27 15.16
CA THR D 210 -2.16 -10.76 15.44
C THR D 210 -1.21 -9.57 15.71
N ALA D 211 -1.36 -8.48 14.96
CA ALA D 211 -0.54 -7.29 15.19
C ALA D 211 -0.87 -6.69 16.56
N VAL D 212 -2.15 -6.62 16.88
CA VAL D 212 -2.57 -6.06 18.16
C VAL D 212 -2.10 -6.96 19.31
N LEU D 213 -2.21 -8.28 19.14
CA LEU D 213 -1.71 -9.21 20.15
C LEU D 213 -0.19 -9.04 20.38
N PHE D 214 0.57 -8.93 19.30
CA PHE D 214 2.02 -8.77 19.40
C PHE D 214 2.42 -7.47 20.11
N CYS D 215 1.84 -6.36 19.68
CA CYS D 215 2.06 -5.09 20.34
C CYS D 215 1.76 -5.16 21.84
N GLU D 216 0.65 -5.80 22.20
CA GLU D 216 0.26 -5.87 23.61
C GLU D 216 1.28 -6.67 24.43
N ILE D 217 1.77 -7.77 23.87
CA ILE D 217 2.76 -8.57 24.58
C ILE D 217 4.03 -7.73 24.81
N VAL D 218 4.46 -7.00 23.78
CA VAL D 218 5.66 -6.18 23.90
C VAL D 218 5.41 -5.02 24.88
N ASN D 219 4.25 -4.37 24.76
CA ASN D 219 3.89 -3.26 25.65
C ASN D 219 3.76 -3.71 27.12
N ARG D 220 3.25 -4.92 27.32
CA ARG D 220 3.07 -5.46 28.67
C ARG D 220 4.43 -5.71 29.31
N TRP D 221 5.32 -6.36 28.56
CA TRP D 221 6.67 -6.57 29.02
C TRP D 221 7.31 -5.23 29.45
N LYS D 222 7.06 -4.18 28.67
CA LYS D 222 7.59 -2.87 29.00
C LYS D 222 6.98 -2.28 30.29
N ARG D 223 5.65 -2.26 30.38
CA ARG D 223 5.01 -1.64 31.54
C ARG D 223 5.33 -2.35 32.86
N LEU D 224 5.64 -3.64 32.81
CA LEU D 224 6.07 -4.35 34.01
C LEU D 224 7.56 -4.12 34.29
N GLY D 225 8.22 -3.35 33.44
CA GLY D 225 9.61 -2.98 33.66
C GLY D 225 10.62 -4.01 33.19
N GLY D 226 10.18 -4.90 32.31
CA GLY D 226 11.08 -5.86 31.69
C GLY D 226 11.97 -5.20 30.64
N TRP D 227 11.52 -4.07 30.13
CA TRP D 227 12.26 -3.35 29.09
C TRP D 227 12.22 -1.84 29.36
N PRO D 228 13.35 -1.13 29.16
CA PRO D 228 14.67 -1.66 28.78
C PRO D 228 15.27 -2.44 29.95
N LEU D 229 16.43 -3.05 29.74
CA LEU D 229 17.04 -3.92 30.74
C LEU D 229 17.46 -3.16 32.00
N SER D 230 17.81 -1.88 31.83
CA SER D 230 18.24 -1.03 32.94
C SER D 230 17.06 -0.50 33.77
N ALA D 231 15.85 -0.68 33.25
CA ALA D 231 14.64 -0.18 33.92
C ALA D 231 14.44 -0.76 35.32
N ALA D 232 14.64 -2.07 35.46
CA ALA D 232 14.41 -2.75 36.74
C ALA D 232 15.09 -2.07 37.91
N GLU D 233 16.32 -1.59 37.68
CA GLU D 233 17.09 -0.91 38.70
C GLU D 233 17.36 0.55 38.37
MG MG I . 1.85 9.13 -7.34
MG MG J . -14.26 30.33 -26.95
MG MG K . 23.86 -26.58 17.63
MG MG L . -5.73 -16.65 8.71
MG MG M . 0.17 11.37 -9.24
MG MG N . -12.84 28.15 -24.82
MG MG O . 21.18 -25.20 16.86
MG MG P . -2.91 -17.79 9.90
#